data_4M9X
#
_entry.id   4M9X
#
_cell.length_a   182.803
_cell.length_b   182.803
_cell.length_c   202.012
_cell.angle_alpha   90.00
_cell.angle_beta   90.00
_cell.angle_gamma   90.00
#
_symmetry.space_group_name_H-M   'I 4 2 2'
#
loop_
_entity.id
_entity.type
_entity.pdbx_description
1 polymer 'Cell death protein 4'
2 polymer 'CED-3 fragment'
3 non-polymer 'MAGNESIUM ION'
4 non-polymer "ADENOSINE-5'-TRIPHOSPHATE"
#
loop_
_entity_poly.entity_id
_entity_poly.type
_entity_poly.pdbx_seq_one_letter_code
_entity_poly.pdbx_strand_id
1 'polypeptide(L)'
;MLCEIECRALSTAHTRLIHDFEPRDALTYLEGKNIFTEDHSELISKMSTRLERIANFLRIYRRQASELGPLIDFFNYNNQ
SHLADFLEDYIDFAINEPDLLRPVVIAPQFSRQMLDRKLLLGNVPKQMTCYIREYHVDRVIKKLDEMCDLDSFFLFLHGR
AGSGKSVIASQALSKSDQLIGINYDSIVWLKDSGTAPKSTFDLFTDILLMLKSEDDLLNFPSVEHVTSVVLKRMICNALI
DRPNTLFVFDDVVQEETIRWAQELRLRCLVTTRDVEISNAASQTCEFIEVTSLEIDECYDFLEAYGMPMPVGEKEEDVLN
KTIELSSGNPATLMMFFKSCEPKTFEKMAQLNNKLESRGLVGVECITPYSYKSLAMALQRCVEVLSDEDRSALAFAVVMP
PGVDIPVKLWSCVIPVDICSNEEEQLDDEVADRLKRLSKRGALLSGKRMPVLTFKIDHIIHMFLKHVVDAQTIANGISIL
EQRLLEIGNNNVSVPERHIPSHFQKFRRSSASEMYPKTTEETVIRPEDFPKFMQLHQKFYDSLKNFACC
;
A,B
2 'polypeptide(L)' PLFNFLCG C,D
#
loop_
_chem_comp.id
_chem_comp.type
_chem_comp.name
_chem_comp.formula
ATP non-polymer ADENOSINE-5'-TRIPHOSPHATE 'C10 H16 N5 O13 P3'
MG non-polymer 'MAGNESIUM ION' 'Mg 2'
#
# COMPACT_ATOMS: atom_id res chain seq x y z
N MET A 1 5.20 17.78 38.58
CA MET A 1 4.93 17.31 37.24
C MET A 1 4.49 15.87 37.49
N LEU A 2 3.74 15.25 36.57
CA LEU A 2 3.32 13.84 36.79
C LEU A 2 4.37 12.74 36.46
N CYS A 3 4.06 11.90 35.48
CA CYS A 3 4.95 10.87 34.94
C CYS A 3 4.21 9.99 33.94
N GLU A 4 4.90 8.93 33.50
CA GLU A 4 4.35 8.03 32.51
C GLU A 4 3.13 7.20 32.96
N ILE A 5 3.10 6.77 34.23
CA ILE A 5 1.98 5.98 34.76
C ILE A 5 0.66 6.78 34.89
N GLU A 6 0.74 7.93 35.56
CA GLU A 6 -0.43 8.77 35.84
C GLU A 6 -0.96 9.37 34.55
N CYS A 7 -0.07 9.48 33.58
CA CYS A 7 -0.43 10.00 32.29
C CYS A 7 -0.95 8.84 31.45
N ARG A 8 -0.51 7.62 31.74
CA ARG A 8 -1.08 6.48 31.03
C ARG A 8 -2.52 6.35 31.48
N ALA A 9 -2.78 6.78 32.71
CA ALA A 9 -4.14 6.77 33.23
C ALA A 9 -4.96 7.86 32.57
N LEU A 10 -4.38 9.06 32.49
CA LEU A 10 -5.03 10.17 31.82
C LEU A 10 -5.25 9.97 30.30
N SER A 11 -4.45 9.08 29.71
CA SER A 11 -4.53 8.79 28.28
C SER A 11 -5.50 7.64 27.97
N THR A 12 -5.46 6.59 28.78
CA THR A 12 -6.35 5.44 28.61
C THR A 12 -7.80 5.90 28.77
N ALA A 13 -8.06 6.69 29.80
CA ALA A 13 -9.38 7.27 30.08
C ALA A 13 -9.68 8.54 29.28
N HIS A 14 -9.38 8.57 27.99
CA HIS A 14 -9.61 9.78 27.20
C HIS A 14 -10.93 9.70 26.44
N THR A 15 -11.30 8.52 25.94
CA THR A 15 -12.62 8.33 25.33
C THR A 15 -13.70 8.80 26.31
N ARG A 16 -13.39 8.68 27.59
CA ARG A 16 -14.33 9.04 28.64
C ARG A 16 -14.21 10.52 28.92
N LEU A 17 -12.99 11.02 29.04
CA LEU A 17 -12.85 12.44 29.31
C LEU A 17 -13.38 13.25 28.12
N ILE A 18 -13.71 12.54 27.02
CA ILE A 18 -14.33 13.18 25.86
C ILE A 18 -15.85 13.00 25.91
N HIS A 19 -16.29 11.85 26.41
CA HIS A 19 -17.74 11.59 26.44
C HIS A 19 -18.47 12.38 27.52
N ASP A 20 -17.81 12.60 28.66
CA ASP A 20 -18.43 13.37 29.72
C ASP A 20 -17.40 14.06 30.62
N PHE A 21 -17.29 15.37 30.43
CA PHE A 21 -16.31 16.23 31.11
C PHE A 21 -16.36 17.65 30.57
N GLU A 22 -15.78 18.58 31.32
CA GLU A 22 -15.67 19.98 30.90
C GLU A 22 -14.64 20.67 31.80
N PRO A 23 -13.59 21.23 31.20
CA PRO A 23 -12.50 21.86 31.96
C PRO A 23 -12.91 23.13 32.74
N ARG A 24 -13.97 23.79 32.30
CA ARG A 24 -14.47 24.97 33.01
C ARG A 24 -14.95 24.56 34.38
N ASP A 25 -15.49 23.35 34.46
CA ASP A 25 -15.99 22.85 35.72
C ASP A 25 -14.85 22.69 36.71
N ALA A 26 -13.65 22.42 36.21
CA ALA A 26 -12.54 22.11 37.12
C ALA A 26 -11.58 23.26 37.37
N LEU A 27 -11.63 24.30 36.53
CA LEU A 27 -10.65 25.38 36.67
C LEU A 27 -10.75 26.07 38.03
N THR A 28 -11.99 26.33 38.45
CA THR A 28 -12.27 26.97 39.74
C THR A 28 -11.86 26.10 40.92
N TYR A 29 -12.17 24.82 40.83
CA TYR A 29 -11.83 23.84 41.87
C TYR A 29 -10.31 23.61 41.95
N LEU A 30 -9.60 23.96 40.88
CA LEU A 30 -8.15 23.78 40.79
C LEU A 30 -7.19 24.96 41.00
N GLU A 31 -7.63 26.18 40.71
CA GLU A 31 -6.84 27.36 41.10
C GLU A 31 -6.54 27.39 42.60
N GLY A 32 -7.36 26.70 43.38
CA GLY A 32 -7.22 26.71 44.83
C GLY A 32 -6.08 25.77 45.23
N LYS A 33 -6.17 24.48 44.92
CA LYS A 33 -5.10 23.57 45.30
C LYS A 33 -3.73 23.79 44.64
N ASN A 34 -3.52 24.94 44.00
CA ASN A 34 -2.20 25.30 43.46
C ASN A 34 -1.64 24.40 42.37
N ILE A 35 -2.21 24.48 41.17
CA ILE A 35 -1.83 23.59 40.08
C ILE A 35 -2.01 24.37 38.77
N PHE A 36 -2.43 25.62 38.88
CA PHE A 36 -2.61 26.45 37.69
C PHE A 36 -2.04 27.87 37.85
N THR A 37 -2.23 28.67 36.80
CA THR A 37 -1.80 30.08 36.77
C THR A 37 -2.82 30.85 35.93
N GLU A 38 -2.96 32.16 36.13
CA GLU A 38 -4.05 32.88 35.47
C GLU A 38 -3.88 32.97 33.95
N ASP A 39 -2.70 32.61 33.44
CA ASP A 39 -2.62 32.42 32.00
C ASP A 39 -3.03 31.02 31.64
N HIS A 40 -2.71 30.05 32.49
CA HIS A 40 -3.13 28.68 32.21
C HIS A 40 -4.64 28.69 32.06
N SER A 41 -5.28 29.26 33.09
CA SER A 41 -6.73 29.37 33.16
C SER A 41 -7.29 30.31 32.08
N GLU A 42 -6.51 31.32 31.69
CA GLU A 42 -6.92 32.16 30.56
C GLU A 42 -6.99 31.32 29.28
N LEU A 43 -5.94 30.55 29.03
CA LEU A 43 -5.81 29.73 27.82
C LEU A 43 -6.91 28.69 27.75
N ILE A 44 -7.25 28.09 28.89
CA ILE A 44 -8.31 27.08 28.90
C ILE A 44 -9.75 27.60 29.04
N SER A 45 -9.95 28.79 29.61
CA SER A 45 -11.33 29.27 29.77
C SER A 45 -12.00 29.87 28.52
N LYS A 46 -11.23 30.57 27.69
CA LYS A 46 -11.75 31.02 26.39
C LYS A 46 -11.34 30.17 25.19
N MET A 47 -12.04 29.05 24.99
CA MET A 47 -11.76 28.18 23.83
C MET A 47 -13.09 27.70 23.21
N SER A 48 -13.27 27.93 21.92
CA SER A 48 -14.52 27.63 21.22
C SER A 48 -15.04 26.21 21.38
N THR A 49 -14.24 25.21 21.04
CA THR A 49 -14.66 23.82 21.23
C THR A 49 -14.17 23.27 22.57
N ARG A 50 -14.76 22.16 23.03
CA ARG A 50 -14.39 21.55 24.30
C ARG A 50 -13.14 20.70 24.22
N LEU A 51 -12.94 20.01 23.10
CA LEU A 51 -11.75 19.21 22.88
C LEU A 51 -10.46 20.04 22.95
N GLU A 52 -10.62 21.34 22.72
CA GLU A 52 -9.53 22.30 22.89
C GLU A 52 -9.22 22.53 24.37
N ARG A 53 -10.25 22.86 25.13
CA ARG A 53 -10.10 23.07 26.56
C ARG A 53 -9.64 21.80 27.27
N ILE A 54 -10.02 20.66 26.71
CA ILE A 54 -9.64 19.36 27.23
C ILE A 54 -8.18 19.06 26.93
N ALA A 55 -7.76 19.28 25.69
CA ALA A 55 -6.36 19.02 25.34
C ALA A 55 -5.41 19.97 26.06
N ASN A 56 -5.83 21.21 26.26
CA ASN A 56 -5.07 22.15 27.10
C ASN A 56 -5.13 21.83 28.59
N PHE A 57 -6.25 21.27 29.04
CA PHE A 57 -6.38 20.93 30.45
C PHE A 57 -5.53 19.72 30.78
N LEU A 58 -5.51 18.73 29.90
CA LEU A 58 -4.68 17.56 30.12
C LEU A 58 -3.21 17.79 29.84
N ARG A 59 -2.86 18.69 28.93
CA ARG A 59 -1.47 19.06 28.74
C ARG A 59 -0.93 19.87 29.92
N ILE A 60 -1.58 21.02 30.16
CA ILE A 60 -1.18 21.89 31.25
C ILE A 60 -1.19 21.08 32.55
N TYR A 61 -2.17 20.18 32.72
CA TYR A 61 -2.23 19.45 33.97
C TYR A 61 -1.04 18.50 34.03
N ARG A 62 -0.73 17.82 32.91
CA ARG A 62 0.35 16.85 32.99
C ARG A 62 1.67 17.55 33.31
N ARG A 63 1.73 18.87 33.12
CA ARG A 63 2.98 19.58 33.40
C ARG A 63 3.05 20.23 34.79
N GLN A 64 1.89 20.71 35.24
CA GLN A 64 1.76 21.61 36.40
C GLN A 64 1.65 20.99 37.79
N ALA A 65 0.92 19.89 37.90
CA ALA A 65 0.62 19.31 39.20
C ALA A 65 1.72 18.42 39.75
N SER A 66 1.91 18.53 41.07
CA SER A 66 2.85 17.69 41.79
C SER A 66 2.37 16.25 41.86
N GLU A 67 1.10 16.02 41.55
CA GLU A 67 0.52 14.68 41.64
C GLU A 67 -0.83 14.58 40.94
N LEU A 68 -1.42 13.38 40.93
CA LEU A 68 -2.71 13.16 40.29
C LEU A 68 -3.80 13.09 41.37
N GLY A 69 -3.74 13.99 42.35
CA GLY A 69 -4.75 14.03 43.40
C GLY A 69 -5.97 14.87 43.04
N PRO A 70 -5.77 16.19 42.89
CA PRO A 70 -6.81 17.19 42.61
C PRO A 70 -7.51 17.01 41.26
N LEU A 71 -7.61 15.76 40.81
CA LEU A 71 -8.37 15.46 39.61
C LEU A 71 -9.20 14.22 39.89
N ILE A 72 -8.81 13.47 40.91
CA ILE A 72 -9.70 12.47 41.48
C ILE A 72 -10.67 13.16 42.42
N ASP A 73 -10.12 14.03 43.26
CA ASP A 73 -10.92 14.89 44.12
C ASP A 73 -11.73 15.94 43.38
N PHE A 74 -12.08 15.69 42.12
CA PHE A 74 -12.95 16.59 41.39
C PHE A 74 -14.03 15.93 40.57
N PHE A 75 -13.65 14.90 39.83
CA PHE A 75 -14.62 14.16 39.06
C PHE A 75 -15.63 13.57 40.03
N ASN A 76 -15.18 13.35 41.26
CA ASN A 76 -16.07 13.01 42.36
C ASN A 76 -17.17 14.02 42.63
N TYR A 77 -16.80 15.21 43.10
CA TYR A 77 -17.79 16.25 43.45
C TYR A 77 -18.71 16.63 42.29
N ASN A 78 -18.20 16.56 41.05
CA ASN A 78 -18.98 17.04 39.92
C ASN A 78 -19.99 16.07 39.35
N ASN A 79 -20.30 15.03 40.13
CA ASN A 79 -21.24 13.99 39.70
C ASN A 79 -20.77 13.23 38.46
N GLN A 80 -19.52 13.49 38.08
CA GLN A 80 -18.85 12.78 37.01
C GLN A 80 -17.91 11.80 37.71
N SER A 81 -18.43 11.22 38.79
CA SER A 81 -17.68 10.32 39.67
C SER A 81 -17.34 9.02 38.95
N HIS A 82 -18.09 8.76 37.89
CA HIS A 82 -17.84 7.63 37.01
C HIS A 82 -16.48 7.73 36.34
N LEU A 83 -15.87 8.92 36.41
CA LEU A 83 -14.51 9.14 35.94
C LEU A 83 -13.45 8.88 37.03
N ALA A 84 -13.53 9.64 38.12
CA ALA A 84 -12.58 9.53 39.23
C ALA A 84 -12.53 8.14 39.84
N ASP A 85 -13.59 7.36 39.63
CA ASP A 85 -13.57 6.00 40.11
C ASP A 85 -12.68 5.17 39.19
N PHE A 86 -12.82 5.38 37.88
CA PHE A 86 -11.95 4.69 36.92
C PHE A 86 -10.47 5.02 37.15
N LEU A 87 -10.17 6.30 37.35
CA LEU A 87 -8.77 6.68 37.55
C LEU A 87 -8.21 6.20 38.89
N GLU A 88 -9.01 6.25 39.96
CA GLU A 88 -8.53 5.73 41.24
C GLU A 88 -8.38 4.22 41.18
N ASP A 89 -9.21 3.58 40.37
CA ASP A 89 -9.08 2.14 40.18
C ASP A 89 -7.77 1.85 39.49
N TYR A 90 -7.40 2.65 38.50
CA TYR A 90 -6.15 2.39 37.80
C TYR A 90 -4.92 2.64 38.68
N ILE A 91 -4.96 3.74 39.43
CA ILE A 91 -3.84 4.02 40.31
C ILE A 91 -3.76 3.00 41.43
N ASP A 92 -4.86 2.33 41.75
CA ASP A 92 -4.76 1.37 42.82
C ASP A 92 -4.27 0.09 42.23
N PHE A 93 -4.76 -0.27 41.05
CA PHE A 93 -4.22 -1.43 40.39
C PHE A 93 -2.88 -1.06 39.75
N ALA A 94 -2.17 -0.10 40.33
CA ALA A 94 -0.83 0.27 39.84
C ALA A 94 0.16 0.35 40.99
N ILE A 95 -0.12 1.14 42.02
CA ILE A 95 0.82 1.21 43.15
C ILE A 95 0.83 -0.08 44.00
N ASN A 96 -0.34 -0.46 44.50
CA ASN A 96 -0.45 -1.63 45.38
C ASN A 96 -0.34 -2.96 44.64
N GLU A 97 -1.35 -3.34 43.87
CA GLU A 97 -1.30 -4.58 43.11
C GLU A 97 -0.89 -4.42 41.65
N PRO A 98 0.41 -4.64 41.35
CA PRO A 98 0.95 -4.62 39.98
C PRO A 98 0.53 -5.87 39.23
N ASP A 99 0.82 -5.92 37.93
CA ASP A 99 0.50 -7.06 37.06
C ASP A 99 -0.99 -7.03 36.76
N LEU A 100 -1.79 -6.94 37.83
CA LEU A 100 -3.25 -7.08 37.75
C LEU A 100 -3.82 -5.97 36.86
N LEU A 101 -2.97 -4.99 36.56
CA LEU A 101 -3.33 -3.81 35.80
C LEU A 101 -3.71 -4.13 34.36
N ARG A 102 -2.93 -4.98 33.71
CA ARG A 102 -3.23 -5.34 32.33
C ARG A 102 -4.51 -6.18 32.20
N PRO A 103 -4.68 -7.24 33.02
CA PRO A 103 -5.94 -8.00 32.93
C PRO A 103 -7.18 -7.22 33.37
N VAL A 104 -7.09 -6.50 34.47
CA VAL A 104 -8.28 -5.88 35.08
C VAL A 104 -8.70 -4.50 34.58
N VAL A 105 -7.91 -3.46 34.80
CA VAL A 105 -8.40 -2.11 34.53
C VAL A 105 -8.10 -1.59 33.10
N ILE A 106 -7.35 -2.37 32.32
CA ILE A 106 -6.95 -1.90 30.99
C ILE A 106 -7.59 -2.64 29.80
N ALA A 107 -7.65 -3.96 29.90
CA ALA A 107 -8.17 -4.85 28.85
C ALA A 107 -9.68 -4.82 28.53
N PRO A 108 -10.57 -4.70 29.55
CA PRO A 108 -12.02 -4.73 29.30
C PRO A 108 -12.57 -3.63 28.39
N GLN A 109 -11.71 -2.89 27.72
CA GLN A 109 -12.14 -1.84 26.80
C GLN A 109 -11.44 -1.94 25.46
N PHE A 110 -10.63 -2.98 25.28
CA PHE A 110 -10.02 -3.25 23.98
C PHE A 110 -11.11 -3.29 22.90
N SER A 111 -10.71 -3.01 21.67
CA SER A 111 -11.64 -2.97 20.54
C SER A 111 -10.93 -3.02 19.20
N ARG A 112 -11.12 -4.10 18.45
CA ARG A 112 -10.37 -4.33 17.20
C ARG A 112 -10.66 -3.25 16.13
N GLN A 113 -11.21 -2.12 16.54
CA GLN A 113 -11.49 -1.07 15.57
C GLN A 113 -10.77 0.17 16.04
N MET A 114 -10.44 0.22 17.33
CA MET A 114 -9.64 1.29 17.88
C MET A 114 -8.18 1.06 17.54
N LEU A 115 -7.80 -0.21 17.55
CA LEU A 115 -6.45 -0.62 17.15
C LEU A 115 -6.12 -0.05 15.80
N ASP A 116 -6.89 -0.41 14.77
CA ASP A 116 -6.61 0.02 13.41
C ASP A 116 -6.42 1.54 13.28
N ARG A 117 -7.28 2.29 13.96
CA ARG A 117 -7.09 3.74 14.19
C ARG A 117 -5.71 4.11 14.75
N LYS A 118 -5.31 3.43 15.82
CA LYS A 118 -4.04 3.72 16.48
C LYS A 118 -2.84 3.32 15.62
N LEU A 119 -2.96 2.18 14.95
CA LEU A 119 -1.94 1.70 14.02
C LEU A 119 -1.76 2.71 12.90
N LEU A 120 -2.87 3.06 12.27
CA LEU A 120 -2.87 3.99 11.15
C LEU A 120 -2.27 5.34 11.50
N LEU A 121 -2.61 5.86 12.69
CA LEU A 121 -2.15 7.19 13.03
C LEU A 121 -0.68 7.13 13.40
N GLY A 122 -0.25 5.94 13.83
CA GLY A 122 1.14 5.68 14.16
C GLY A 122 1.94 5.16 12.97
N ASN A 123 1.33 5.25 11.79
CA ASN A 123 1.94 4.85 10.52
C ASN A 123 2.45 3.41 10.49
N VAL A 124 1.78 2.50 11.20
CA VAL A 124 2.09 1.07 11.09
C VAL A 124 1.54 0.51 9.78
N PRO A 125 2.37 -0.22 9.03
CA PRO A 125 1.99 -0.82 7.74
C PRO A 125 1.02 -1.99 7.87
N LYS A 126 0.25 -2.23 6.81
CA LYS A 126 -0.86 -3.18 6.80
C LYS A 126 -0.45 -4.66 6.80
N GLN A 127 -0.09 -5.20 7.97
CA GLN A 127 0.27 -6.63 8.18
C GLN A 127 -0.10 -7.61 7.04
N MET A 128 0.75 -8.60 6.79
CA MET A 128 0.47 -9.58 5.74
C MET A 128 -0.48 -10.66 6.29
N THR A 129 -1.28 -11.24 5.40
CA THR A 129 -2.42 -12.03 5.78
C THR A 129 -2.46 -13.42 5.15
N CYS A 130 -2.10 -13.51 3.87
CA CYS A 130 -2.21 -14.81 3.18
C CYS A 130 -1.19 -15.82 3.67
N TYR A 131 -0.17 -15.35 4.39
CA TYR A 131 0.73 -16.24 5.12
C TYR A 131 1.34 -15.47 6.27
N ILE A 132 1.42 -16.10 7.43
CA ILE A 132 2.05 -15.49 8.58
C ILE A 132 3.11 -16.45 9.07
N ARG A 133 4.34 -15.97 9.25
CA ARG A 133 5.36 -16.80 9.85
C ARG A 133 5.07 -16.86 11.34
N GLU A 134 4.48 -17.96 11.78
CA GLU A 134 4.06 -18.14 13.16
C GLU A 134 5.19 -17.80 14.13
N TYR A 135 6.18 -18.68 14.19
CA TYR A 135 7.28 -18.61 15.16
C TYR A 135 7.80 -17.21 15.46
N HIS A 136 8.17 -16.48 14.40
CA HIS A 136 8.90 -15.24 14.59
C HIS A 136 7.99 -14.16 15.13
N VAL A 137 6.89 -13.90 14.42
CA VAL A 137 5.93 -12.90 14.87
C VAL A 137 5.50 -13.19 16.31
N ASP A 138 5.40 -14.47 16.63
CA ASP A 138 5.04 -14.88 17.97
C ASP A 138 6.12 -14.47 18.96
N ARG A 139 7.39 -14.79 18.67
CA ARG A 139 8.44 -14.52 19.65
C ARG A 139 8.66 -13.03 19.81
N VAL A 140 8.50 -12.28 18.72
CA VAL A 140 8.47 -10.82 18.79
C VAL A 140 7.41 -10.35 19.78
N ILE A 141 6.16 -10.80 19.60
CA ILE A 141 5.10 -10.33 20.48
C ILE A 141 5.44 -10.69 21.92
N LYS A 142 5.96 -11.91 22.11
CA LYS A 142 6.38 -12.39 23.41
C LYS A 142 7.42 -11.46 24.06
N LYS A 143 8.55 -11.28 23.37
CA LYS A 143 9.65 -10.47 23.89
C LYS A 143 9.29 -9.00 24.03
N LEU A 144 8.22 -8.57 23.37
CA LEU A 144 7.73 -7.20 23.55
C LEU A 144 6.89 -7.13 24.80
N ASP A 145 6.09 -8.17 25.01
CA ASP A 145 5.30 -8.31 26.22
C ASP A 145 6.19 -8.31 27.45
N GLU A 146 7.34 -8.98 27.36
CA GLU A 146 8.22 -9.09 28.52
C GLU A 146 8.82 -7.75 28.94
N MET A 147 8.74 -6.75 28.07
CA MET A 147 9.49 -5.51 28.27
C MET A 147 8.65 -4.23 28.45
N CYS A 148 7.34 -4.32 28.23
CA CYS A 148 6.46 -3.16 28.40
C CYS A 148 6.59 -2.51 29.78
N ASP A 149 7.09 -3.26 30.74
CA ASP A 149 7.38 -2.75 32.07
C ASP A 149 8.56 -1.79 32.03
N LEU A 150 9.62 -2.24 31.34
CA LEU A 150 10.87 -1.49 31.17
C LEU A 150 10.68 -0.06 30.67
N ASP A 151 11.64 0.78 31.05
CA ASP A 151 11.61 2.22 30.76
C ASP A 151 12.15 2.56 29.38
N SER A 152 13.03 1.72 28.87
CA SER A 152 13.64 1.90 27.55
C SER A 152 14.41 0.66 27.14
N PHE A 153 14.30 0.28 25.87
CA PHE A 153 14.87 -0.99 25.42
C PHE A 153 14.96 -1.14 23.90
N PHE A 154 15.93 -1.94 23.46
CA PHE A 154 16.05 -2.23 22.04
C PHE A 154 15.71 -3.68 21.71
N LEU A 155 14.79 -3.85 20.76
CA LEU A 155 14.52 -5.17 20.21
C LEU A 155 14.97 -5.14 18.76
N PHE A 156 15.94 -5.98 18.43
CA PHE A 156 16.54 -5.99 17.11
C PHE A 156 16.01 -7.15 16.28
N LEU A 157 15.07 -6.86 15.38
CA LEU A 157 14.55 -7.87 14.48
C LEU A 157 15.41 -7.87 13.22
N HIS A 158 16.61 -8.46 13.31
CA HIS A 158 17.59 -8.39 12.22
C HIS A 158 17.67 -9.58 11.26
N GLY A 159 17.88 -9.30 9.97
CA GLY A 159 18.06 -10.35 8.98
C GLY A 159 18.67 -9.90 7.67
N ARG A 160 18.80 -10.86 6.75
CA ARG A 160 19.13 -10.63 5.34
C ARG A 160 18.26 -9.55 4.69
N ALA A 161 18.59 -9.19 3.46
CA ALA A 161 17.77 -8.23 2.73
C ALA A 161 16.67 -9.05 2.09
N GLY A 162 15.45 -8.52 2.13
CA GLY A 162 14.29 -9.25 1.68
C GLY A 162 13.97 -10.47 2.54
N SER A 163 14.66 -10.60 3.68
CA SER A 163 14.48 -11.76 4.55
C SER A 163 13.14 -11.76 5.28
N GLY A 164 12.41 -10.63 5.21
CA GLY A 164 11.05 -10.58 5.71
C GLY A 164 10.79 -9.96 7.07
N LYS A 165 11.77 -9.25 7.62
CA LYS A 165 11.64 -8.67 8.96
C LYS A 165 10.50 -7.67 9.18
N SER A 166 10.42 -6.69 8.29
CA SER A 166 9.49 -5.59 8.50
C SER A 166 8.05 -6.05 8.47
N VAL A 167 7.79 -6.97 7.55
CA VAL A 167 6.47 -7.52 7.38
C VAL A 167 6.06 -8.24 8.66
N ILE A 168 6.99 -9.02 9.21
CA ILE A 168 6.82 -9.71 10.50
C ILE A 168 6.54 -8.73 11.64
N ALA A 169 7.14 -7.54 11.56
CA ALA A 169 6.93 -6.54 12.59
C ALA A 169 5.56 -5.90 12.43
N SER A 170 5.11 -5.86 11.18
CA SER A 170 3.82 -5.32 10.78
C SER A 170 2.74 -6.23 11.36
N GLN A 171 3.06 -7.51 11.42
CA GLN A 171 2.12 -8.54 11.84
C GLN A 171 2.13 -8.61 13.36
N ALA A 172 3.30 -8.47 13.94
CA ALA A 172 3.47 -8.52 15.39
C ALA A 172 2.77 -7.37 16.12
N LEU A 173 2.58 -6.25 15.46
CA LEU A 173 1.81 -5.16 16.06
C LEU A 173 0.37 -5.19 15.58
N SER A 174 0.01 -6.26 14.87
CA SER A 174 -1.32 -6.39 14.28
C SER A 174 -2.00 -7.69 14.67
N LYS A 175 -1.21 -8.65 15.15
CA LYS A 175 -1.73 -9.92 15.62
C LYS A 175 -2.46 -9.78 16.95
N SER A 176 -1.70 -9.72 18.04
CA SER A 176 -2.29 -9.55 19.37
C SER A 176 -3.27 -8.37 19.45
N ASP A 177 -3.99 -8.25 20.56
CA ASP A 177 -4.73 -7.02 20.82
C ASP A 177 -4.14 -6.35 22.05
N GLN A 178 -3.12 -7.00 22.60
CA GLN A 178 -2.49 -6.59 23.85
C GLN A 178 -1.43 -5.49 23.68
N LEU A 179 -0.50 -5.71 22.76
CA LEU A 179 0.62 -4.80 22.54
C LEU A 179 0.24 -3.32 22.42
N ILE A 180 -0.82 -3.03 21.68
CA ILE A 180 -1.28 -1.64 21.63
C ILE A 180 -2.58 -1.50 22.42
N GLY A 181 -2.48 -0.83 23.56
CA GLY A 181 -3.61 -0.64 24.44
C GLY A 181 -3.39 -1.25 25.82
N ILE A 182 -2.99 -2.52 25.83
CA ILE A 182 -2.75 -3.26 27.08
C ILE A 182 -1.31 -3.07 27.57
N ASN A 183 -0.34 -3.40 26.72
CA ASN A 183 1.08 -3.31 27.10
C ASN A 183 1.67 -1.93 26.79
N TYR A 184 1.31 -1.38 25.64
CA TYR A 184 1.74 -0.04 25.26
C TYR A 184 0.55 0.78 24.78
N ASP A 185 0.53 2.07 25.15
CA ASP A 185 -0.59 2.93 24.82
C ASP A 185 -0.60 3.32 23.34
N SER A 186 0.56 3.72 22.82
CA SER A 186 0.62 4.15 21.44
C SER A 186 1.76 3.54 20.62
N ILE A 187 1.65 3.69 19.30
CA ILE A 187 2.68 3.27 18.36
C ILE A 187 3.12 4.41 17.45
N VAL A 188 4.44 4.53 17.28
CA VAL A 188 5.03 5.42 16.30
C VAL A 188 5.98 4.61 15.42
N TRP A 189 5.62 4.41 14.16
CA TRP A 189 6.43 3.57 13.28
C TRP A 189 7.00 4.44 12.17
N LEU A 190 8.32 4.57 12.16
CA LEU A 190 9.02 5.44 11.24
C LEU A 190 10.12 4.66 10.51
N LYS A 191 10.17 4.79 9.19
CA LYS A 191 11.23 4.18 8.40
C LYS A 191 12.45 5.08 8.29
N ASP A 192 13.61 4.52 8.59
CA ASP A 192 14.87 5.27 8.60
C ASP A 192 15.50 5.27 7.21
N SER A 193 16.38 4.31 6.98
CA SER A 193 17.07 4.14 5.69
C SER A 193 18.03 5.29 5.44
N GLY A 194 18.49 5.88 6.54
CA GLY A 194 19.36 7.04 6.47
C GLY A 194 20.81 6.69 6.21
N THR A 195 21.42 7.41 5.27
CA THR A 195 22.78 7.13 4.86
C THR A 195 23.60 8.40 5.06
N ALA A 196 23.02 9.53 4.70
CA ALA A 196 23.62 10.82 4.95
C ALA A 196 23.77 11.05 6.46
N PRO A 197 24.56 12.06 6.86
CA PRO A 197 24.67 12.37 8.28
C PRO A 197 23.54 13.25 8.79
N LYS A 198 22.85 13.94 7.88
CA LYS A 198 21.68 14.74 8.24
C LYS A 198 20.40 13.91 8.42
N SER A 199 20.46 12.65 8.00
CA SER A 199 19.28 11.79 8.00
C SER A 199 18.87 11.44 9.43
N THR A 200 19.87 11.25 10.29
CA THR A 200 19.67 10.84 11.66
C THR A 200 19.02 11.98 12.47
N PHE A 201 19.10 13.20 11.96
CA PHE A 201 18.42 14.32 12.64
C PHE A 201 17.02 14.52 12.07
N ASP A 202 16.90 14.39 10.75
CA ASP A 202 15.62 14.57 10.07
C ASP A 202 14.61 13.53 10.53
N LEU A 203 15.13 12.34 10.82
CA LEU A 203 14.28 11.26 11.27
C LEU A 203 13.58 11.72 12.53
N PHE A 204 14.37 12.07 13.54
CA PHE A 204 13.82 12.44 14.83
C PHE A 204 13.06 13.77 14.80
N THR A 205 13.22 14.50 13.68
CA THR A 205 12.38 15.65 13.39
C THR A 205 10.99 15.14 13.07
N ASP A 206 10.96 13.98 12.43
CA ASP A 206 9.67 13.48 11.97
C ASP A 206 9.10 12.58 13.04
N ILE A 207 9.93 12.20 14.01
CA ILE A 207 9.43 11.63 15.25
C ILE A 207 8.68 12.75 15.96
N LEU A 208 9.43 13.73 16.47
CA LEU A 208 8.86 14.98 17.01
C LEU A 208 7.53 15.40 16.35
N LEU A 209 7.40 15.21 15.03
CA LEU A 209 6.13 15.55 14.37
C LEU A 209 5.08 14.42 14.34
N MET A 210 5.56 13.18 14.37
CA MET A 210 4.69 12.03 14.57
C MET A 210 3.99 12.06 15.93
N LEU A 211 4.64 12.74 16.85
CA LEU A 211 4.11 12.88 18.20
C LEU A 211 3.08 14.00 18.26
N LYS A 212 3.43 15.16 17.72
CA LYS A 212 2.61 16.36 17.84
C LYS A 212 1.15 16.26 17.38
N SER A 213 0.30 16.94 18.16
CA SER A 213 -1.14 16.98 18.01
C SER A 213 -1.54 17.47 16.62
N GLU A 214 -2.75 17.14 16.19
CA GLU A 214 -3.25 17.62 14.90
C GLU A 214 -3.23 19.14 14.95
N ASP A 215 -3.56 19.72 16.10
CA ASP A 215 -3.30 21.14 16.32
C ASP A 215 -1.78 21.32 16.40
N ASP A 216 -1.32 22.48 15.95
CA ASP A 216 0.09 22.84 15.91
C ASP A 216 0.86 21.81 15.09
N LEU A 217 0.31 21.50 13.92
CA LEU A 217 1.04 20.99 12.77
C LEU A 217 1.11 22.14 11.78
N LEU A 218 0.18 23.09 12.01
CA LEU A 218 0.10 24.38 11.34
C LEU A 218 1.31 25.28 11.71
N ASN A 219 1.52 25.33 13.03
CA ASN A 219 2.59 26.06 13.68
C ASN A 219 4.02 25.57 13.51
N PHE A 220 4.22 24.38 12.93
CA PHE A 220 5.55 23.85 12.67
C PHE A 220 6.46 25.03 12.24
N PRO A 221 7.50 25.31 13.04
CA PRO A 221 8.50 26.35 12.75
C PRO A 221 9.54 25.92 11.74
N SER A 222 10.46 26.82 11.40
CA SER A 222 11.60 26.41 10.58
C SER A 222 12.57 25.56 11.39
N VAL A 223 12.04 24.48 11.95
CA VAL A 223 12.81 23.53 12.74
C VAL A 223 13.92 22.81 11.98
N GLU A 224 13.80 22.76 10.64
CA GLU A 224 14.88 22.26 9.77
C GLU A 224 16.25 22.78 10.20
N HIS A 225 16.29 24.02 10.69
CA HIS A 225 17.50 24.63 11.21
C HIS A 225 17.31 24.95 12.68
N VAL A 226 17.82 24.07 13.53
CA VAL A 226 17.67 24.15 14.99
C VAL A 226 18.54 23.02 15.53
N THR A 227 19.25 23.30 16.63
CA THR A 227 20.27 22.37 17.10
C THR A 227 19.74 20.98 17.43
N SER A 228 20.65 20.03 17.57
CA SER A 228 20.27 18.67 17.96
C SER A 228 19.78 18.59 19.40
N VAL A 229 20.43 19.35 20.27
CA VAL A 229 20.08 19.41 21.68
C VAL A 229 18.65 19.93 21.86
N VAL A 230 18.20 20.72 20.89
CA VAL A 230 16.89 21.34 20.95
C VAL A 230 15.83 20.44 20.34
N LEU A 231 16.08 19.83 19.19
CA LEU A 231 15.16 18.82 18.68
C LEU A 231 14.95 17.69 19.73
N LYS A 232 16.04 17.31 20.38
CA LYS A 232 16.04 16.27 21.42
C LYS A 232 15.23 16.72 22.63
N ARG A 233 15.48 17.94 23.09
CA ARG A 233 14.78 18.49 24.22
C ARG A 233 13.30 18.66 23.87
N MET A 234 13.01 19.16 22.67
CA MET A 234 11.66 19.32 22.14
C MET A 234 10.91 17.99 22.14
N ILE A 235 11.65 16.91 21.91
CA ILE A 235 11.02 15.60 21.92
C ILE A 235 10.73 15.18 23.35
N CYS A 236 11.75 15.15 24.21
CA CYS A 236 11.50 14.68 25.58
C CYS A 236 10.50 15.60 26.28
N ASN A 237 10.35 16.81 25.74
CA ASN A 237 9.26 17.70 26.13
C ASN A 237 7.97 17.06 25.70
N ALA A 238 7.67 17.22 24.41
CA ALA A 238 6.46 16.64 23.83
C ALA A 238 6.26 15.14 24.10
N LEU A 239 7.21 14.51 24.80
CA LEU A 239 7.13 13.08 25.08
C LEU A 239 6.46 12.80 26.41
N ILE A 240 6.20 13.85 27.18
CA ILE A 240 5.50 13.67 28.44
C ILE A 240 4.08 13.18 28.14
N ASP A 241 3.37 13.87 27.24
CA ASP A 241 1.99 13.51 26.91
C ASP A 241 1.89 12.14 26.26
N ARG A 242 3.02 11.43 26.17
CA ARG A 242 3.05 10.13 25.54
C ARG A 242 3.62 9.06 26.47
N PRO A 243 2.77 8.50 27.32
CA PRO A 243 3.00 7.35 28.19
C PRO A 243 3.20 6.10 27.36
N ASN A 244 3.96 5.13 27.85
CA ASN A 244 4.30 3.91 27.12
C ASN A 244 4.05 3.99 25.62
N THR A 245 5.03 4.51 24.91
CA THR A 245 4.95 4.64 23.46
C THR A 245 5.99 3.73 22.84
N LEU A 246 5.54 2.91 21.91
CA LEU A 246 6.47 2.02 21.22
C LEU A 246 6.96 2.70 19.96
N PHE A 247 8.23 2.50 19.66
CA PHE A 247 8.85 3.07 18.49
C PHE A 247 9.34 1.98 17.56
N VAL A 248 8.77 1.86 16.37
CA VAL A 248 9.39 1.01 15.37
C VAL A 248 10.26 1.87 14.47
N PHE A 249 11.54 1.49 14.35
CA PHE A 249 12.47 2.20 13.49
C PHE A 249 12.82 1.29 12.33
N ASP A 250 11.94 1.23 11.33
CA ASP A 250 12.09 0.27 10.26
C ASP A 250 13.28 0.61 9.36
N ASP A 251 14.20 -0.35 9.28
CA ASP A 251 15.35 -0.31 8.37
C ASP A 251 16.41 0.69 8.84
N VAL A 252 17.01 0.42 10.00
CA VAL A 252 18.10 1.26 10.47
C VAL A 252 19.42 0.79 9.86
N VAL A 253 20.20 1.72 9.31
CA VAL A 253 21.56 1.41 8.87
C VAL A 253 22.65 2.07 9.71
N GLN A 254 22.43 3.32 10.12
CA GLN A 254 23.40 4.06 10.92
C GLN A 254 23.20 3.91 12.43
N GLU A 255 24.25 3.51 13.13
CA GLU A 255 24.23 3.42 14.59
C GLU A 255 24.04 4.74 15.34
N GLU A 256 23.97 5.83 14.58
CA GLU A 256 23.75 7.14 15.17
C GLU A 256 22.29 7.29 15.56
N THR A 257 21.41 6.82 14.68
CA THR A 257 20.02 6.57 15.04
C THR A 257 19.97 5.94 16.43
N ILE A 258 20.37 4.67 16.54
CA ILE A 258 20.42 3.94 17.82
C ILE A 258 21.00 4.76 18.98
N ARG A 259 22.00 5.60 18.71
CA ARG A 259 22.52 6.45 19.77
C ARG A 259 21.51 7.51 20.22
N TRP A 260 20.77 8.09 19.27
CA TRP A 260 19.73 9.05 19.64
C TRP A 260 18.64 8.31 20.41
N ALA A 261 18.19 7.18 19.86
CA ALA A 261 17.23 6.32 20.52
C ALA A 261 17.63 6.00 21.96
N GLN A 262 18.95 5.94 22.22
CA GLN A 262 19.41 5.60 23.55
C GLN A 262 19.69 6.78 24.47
N GLU A 263 19.82 7.97 23.89
CA GLU A 263 19.94 9.17 24.69
C GLU A 263 18.55 9.64 25.08
N LEU A 264 17.59 9.30 24.24
CA LEU A 264 16.21 9.72 24.42
C LEU A 264 15.39 8.71 25.21
N ARG A 265 16.06 7.71 25.77
CA ARG A 265 15.41 6.68 26.59
C ARG A 265 14.09 6.21 25.98
N LEU A 266 14.15 5.88 24.69
CA LEU A 266 12.99 5.47 23.92
C LEU A 266 12.77 3.96 23.98
N ARG A 267 11.54 3.54 23.66
CA ARG A 267 11.23 2.13 23.56
C ARG A 267 11.18 1.77 22.08
N CYS A 268 12.13 0.97 21.63
CA CYS A 268 12.31 0.75 20.21
C CYS A 268 12.27 -0.70 19.74
N LEU A 269 11.40 -0.96 18.78
CA LEU A 269 11.54 -2.14 17.92
C LEU A 269 12.42 -1.68 16.76
N VAL A 270 13.30 -2.55 16.29
CA VAL A 270 14.23 -2.18 15.22
C VAL A 270 14.42 -3.27 14.17
N THR A 271 13.98 -3.00 12.95
CA THR A 271 14.35 -3.86 11.84
C THR A 271 15.59 -3.26 11.17
N THR A 272 16.56 -4.12 10.90
CA THR A 272 17.82 -3.70 10.30
C THR A 272 18.49 -4.88 9.61
N ARG A 273 19.48 -4.61 8.79
CA ARG A 273 20.24 -5.68 8.16
C ARG A 273 21.60 -5.86 8.83
N ASP A 274 22.25 -4.74 9.15
CA ASP A 274 23.52 -4.77 9.85
C ASP A 274 23.23 -4.86 11.35
N VAL A 275 23.67 -5.95 11.97
CA VAL A 275 23.33 -6.26 13.36
C VAL A 275 24.21 -5.52 14.39
N GLU A 276 25.41 -5.13 13.96
CA GLU A 276 26.42 -4.59 14.86
C GLU A 276 26.12 -3.19 15.42
N ILE A 277 25.09 -2.55 14.89
CA ILE A 277 24.67 -1.22 15.34
C ILE A 277 24.29 -1.22 16.83
N SER A 278 24.13 -2.41 17.40
CA SER A 278 23.69 -2.54 18.77
C SER A 278 24.84 -2.26 19.70
N ASN A 279 26.06 -2.37 19.18
CA ASN A 279 27.22 -2.01 19.97
C ASN A 279 27.17 -0.52 20.31
N ALA A 280 26.40 0.26 19.54
CA ALA A 280 26.21 1.67 19.88
C ALA A 280 25.51 1.86 21.23
N ALA A 281 24.63 0.92 21.57
CA ALA A 281 23.87 0.99 22.82
C ALA A 281 24.50 0.23 23.99
N SER A 282 24.76 0.95 25.08
CA SER A 282 25.14 0.30 26.34
C SER A 282 23.90 0.06 27.19
N GLN A 283 23.21 -1.04 26.97
CA GLN A 283 21.86 -1.20 27.49
C GLN A 283 21.25 -2.58 27.29
N THR A 284 20.02 -2.71 27.79
CA THR A 284 19.16 -3.86 27.56
C THR A 284 18.99 -4.01 26.06
N CYS A 285 19.76 -4.89 25.44
CA CYS A 285 19.55 -5.22 24.05
C CYS A 285 19.16 -6.66 23.85
N GLU A 286 18.06 -6.87 23.12
CA GLU A 286 17.52 -8.21 22.91
C GLU A 286 17.32 -8.40 21.41
N PHE A 287 17.47 -9.64 20.95
CA PHE A 287 17.59 -9.85 19.51
C PHE A 287 16.68 -10.97 18.99
N ILE A 288 16.18 -10.79 17.76
CA ILE A 288 15.43 -11.82 17.06
C ILE A 288 15.85 -11.84 15.59
N GLU A 289 16.47 -12.94 15.17
CA GLU A 289 17.03 -13.02 13.84
C GLU A 289 16.07 -13.69 12.85
N VAL A 290 15.79 -13.03 11.74
CA VAL A 290 14.92 -13.62 10.73
C VAL A 290 15.78 -14.47 9.80
N THR A 291 15.82 -15.77 10.04
CA THR A 291 16.64 -16.66 9.23
C THR A 291 16.03 -16.84 7.85
N SER A 292 16.77 -17.49 6.96
CA SER A 292 16.25 -17.85 5.65
C SER A 292 15.13 -18.87 5.80
N LEU A 293 14.07 -18.70 5.01
CA LEU A 293 12.93 -19.62 5.01
C LEU A 293 13.30 -21.08 4.81
N GLU A 294 13.08 -21.88 5.86
CA GLU A 294 13.29 -23.33 5.82
C GLU A 294 12.56 -23.99 4.64
N ILE A 295 13.01 -25.18 4.26
CA ILE A 295 12.52 -25.83 3.04
C ILE A 295 11.01 -26.09 3.08
N ASP A 296 10.48 -26.39 4.26
CA ASP A 296 9.05 -26.67 4.44
C ASP A 296 8.18 -25.41 4.43
N GLU A 297 8.70 -24.36 5.06
CA GLU A 297 8.02 -23.08 5.13
C GLU A 297 7.85 -22.46 3.75
N CYS A 298 8.75 -22.78 2.83
CA CYS A 298 8.66 -22.23 1.48
C CYS A 298 7.43 -22.85 0.83
N TYR A 299 7.25 -24.15 1.08
CA TYR A 299 6.09 -24.90 0.61
C TYR A 299 4.88 -24.17 1.14
N ASP A 300 4.88 -23.94 2.45
CA ASP A 300 3.76 -23.28 3.11
C ASP A 300 3.41 -21.96 2.41
N PHE A 301 4.43 -21.15 2.13
CA PHE A 301 4.27 -19.86 1.46
C PHE A 301 3.67 -19.94 0.06
N LEU A 302 4.04 -21.01 -0.65
CA LEU A 302 3.60 -21.20 -2.03
C LEU A 302 2.14 -21.64 -2.03
N GLU A 303 1.84 -22.70 -1.28
CA GLU A 303 0.46 -23.12 -1.08
C GLU A 303 -0.37 -21.90 -0.66
N ALA A 304 0.18 -21.13 0.28
CA ALA A 304 -0.47 -19.93 0.82
C ALA A 304 -0.93 -18.99 -0.28
N TYR A 305 -0.14 -18.84 -1.35
CA TYR A 305 -0.64 -17.98 -2.43
C TYR A 305 -1.13 -18.69 -3.69
N GLY A 306 -1.52 -19.97 -3.56
CA GLY A 306 -2.15 -20.67 -4.67
C GLY A 306 -1.32 -21.45 -5.68
N MET A 307 -0.15 -21.89 -5.26
CA MET A 307 0.78 -22.60 -6.13
C MET A 307 0.61 -24.11 -6.09
N PRO A 308 0.44 -24.74 -7.26
CA PRO A 308 0.18 -26.17 -7.45
C PRO A 308 1.34 -27.01 -6.92
N MET A 309 1.05 -28.00 -6.09
CA MET A 309 2.06 -28.85 -5.46
C MET A 309 2.40 -30.06 -6.32
N PRO A 310 3.66 -30.49 -6.28
CA PRO A 310 4.27 -31.43 -7.22
C PRO A 310 3.60 -32.79 -7.22
N VAL A 311 3.98 -33.60 -8.19
CA VAL A 311 3.54 -34.98 -8.35
C VAL A 311 4.75 -35.72 -8.87
N GLY A 312 5.08 -35.54 -10.15
CA GLY A 312 6.30 -36.12 -10.69
C GLY A 312 7.48 -35.73 -9.80
N GLU A 313 8.57 -36.48 -9.93
CA GLU A 313 9.76 -36.27 -9.09
C GLU A 313 10.51 -35.03 -9.56
N LYS A 314 10.64 -34.89 -10.86
CA LYS A 314 11.19 -33.66 -11.41
C LYS A 314 10.13 -32.57 -11.50
N GLU A 315 9.56 -32.25 -10.34
CA GLU A 315 8.64 -31.13 -10.16
C GLU A 315 8.83 -30.68 -8.71
N GLU A 316 8.84 -31.66 -7.80
CA GLU A 316 9.31 -31.41 -6.45
C GLU A 316 10.76 -31.00 -6.54
N ASP A 317 11.45 -31.53 -7.53
CA ASP A 317 12.83 -31.11 -7.79
C ASP A 317 12.88 -29.68 -8.35
N VAL A 318 11.95 -29.33 -9.22
CA VAL A 318 11.88 -27.96 -9.73
C VAL A 318 11.70 -26.96 -8.59
N LEU A 319 10.92 -27.35 -7.59
CA LEU A 319 10.65 -26.44 -6.50
C LEU A 319 11.78 -26.46 -5.47
N ASN A 320 12.45 -27.60 -5.29
CA ASN A 320 13.67 -27.60 -4.48
C ASN A 320 14.81 -26.83 -5.15
N LYS A 321 14.77 -26.77 -6.48
CA LYS A 321 15.66 -25.88 -7.24
C LYS A 321 15.37 -24.45 -6.90
N THR A 322 14.09 -24.08 -6.92
CA THR A 322 13.74 -22.70 -6.55
C THR A 322 14.16 -22.38 -5.10
N ILE A 323 13.88 -23.31 -4.19
CA ILE A 323 14.21 -23.08 -2.78
C ILE A 323 15.71 -23.01 -2.53
N GLU A 324 16.47 -23.79 -3.31
CA GLU A 324 17.92 -23.77 -3.24
C GLU A 324 18.49 -22.47 -3.82
N LEU A 325 18.02 -22.11 -5.01
CA LEU A 325 18.47 -20.91 -5.69
C LEU A 325 18.25 -19.67 -4.83
N SER A 326 16.99 -19.37 -4.56
CA SER A 326 16.65 -18.26 -3.69
C SER A 326 16.88 -18.59 -2.22
N SER A 327 18.02 -19.22 -1.92
CA SER A 327 18.40 -19.73 -0.59
C SER A 327 17.52 -19.22 0.55
N GLY A 328 16.27 -19.68 0.55
CA GLY A 328 15.27 -19.25 1.52
C GLY A 328 15.17 -17.75 1.66
N ASN A 329 14.52 -17.10 0.70
CA ASN A 329 14.41 -15.66 0.76
C ASN A 329 13.05 -15.16 0.30
N PRO A 330 12.21 -14.75 1.26
CA PRO A 330 10.85 -14.22 1.11
C PRO A 330 10.69 -13.40 -0.18
N ALA A 331 11.42 -12.30 -0.25
CA ALA A 331 11.32 -11.33 -1.35
C ALA A 331 11.55 -11.87 -2.76
N THR A 332 12.66 -12.57 -2.99
CA THR A 332 12.92 -13.11 -4.32
C THR A 332 11.99 -14.27 -4.62
N LEU A 333 11.54 -14.93 -3.57
CA LEU A 333 10.55 -15.99 -3.72
C LEU A 333 9.25 -15.37 -4.20
N MET A 334 8.89 -14.25 -3.59
CA MET A 334 7.67 -13.54 -3.95
C MET A 334 7.75 -13.04 -5.40
N MET A 335 8.89 -12.47 -5.79
CA MET A 335 9.10 -11.99 -7.14
C MET A 335 8.99 -13.13 -8.14
N PHE A 336 9.43 -14.28 -7.65
CA PHE A 336 9.45 -15.54 -8.37
C PHE A 336 7.99 -15.86 -8.68
N PHE A 337 7.15 -15.92 -7.64
CA PHE A 337 5.73 -16.20 -7.82
C PHE A 337 5.11 -15.20 -8.80
N LYS A 338 5.23 -13.91 -8.48
CA LYS A 338 4.69 -12.79 -9.27
C LYS A 338 5.06 -12.84 -10.75
N SER A 339 6.11 -13.60 -11.06
CA SER A 339 6.66 -13.62 -12.41
C SER A 339 6.47 -14.99 -13.05
N CYS A 340 5.77 -15.88 -12.35
CA CYS A 340 5.51 -17.21 -12.88
C CYS A 340 4.31 -17.26 -13.84
N GLU A 341 3.82 -16.10 -14.24
CA GLU A 341 2.75 -15.92 -15.25
C GLU A 341 1.75 -17.13 -15.43
N PRO A 342 2.03 -18.14 -16.29
CA PRO A 342 0.95 -19.11 -16.54
C PRO A 342 0.61 -19.96 -15.31
N LYS A 343 1.52 -20.03 -14.34
CA LYS A 343 1.41 -20.77 -13.07
C LYS A 343 1.98 -22.19 -13.15
N THR A 344 2.24 -22.66 -14.37
CA THR A 344 2.76 -24.01 -14.58
C THR A 344 4.10 -24.20 -13.84
N PHE A 345 4.33 -25.41 -13.31
CA PHE A 345 5.66 -25.85 -12.87
C PHE A 345 6.70 -25.68 -13.97
N GLU A 346 6.23 -25.78 -15.21
CA GLU A 346 7.05 -25.63 -16.39
C GLU A 346 7.69 -24.25 -16.42
N LYS A 347 6.88 -23.19 -16.50
CA LYS A 347 7.41 -21.83 -16.54
C LYS A 347 8.16 -21.46 -15.25
N MET A 348 7.94 -22.24 -14.20
CA MET A 348 8.68 -22.07 -12.95
C MET A 348 10.10 -22.58 -13.11
N ALA A 349 10.25 -23.67 -13.86
CA ALA A 349 11.57 -24.18 -14.14
C ALA A 349 12.22 -23.31 -15.20
N GLN A 350 11.39 -22.72 -16.07
CA GLN A 350 11.85 -21.74 -17.04
C GLN A 350 12.60 -20.66 -16.27
N LEU A 351 11.96 -20.18 -15.21
CA LEU A 351 12.59 -19.12 -14.42
C LEU A 351 13.82 -19.69 -13.73
N ASN A 352 13.72 -20.92 -13.24
CA ASN A 352 14.85 -21.58 -12.59
C ASN A 352 16.09 -21.59 -13.48
N ASN A 353 15.86 -21.62 -14.79
CA ASN A 353 16.94 -21.49 -15.76
C ASN A 353 17.38 -20.05 -15.77
N LYS A 354 16.42 -19.19 -16.13
CA LYS A 354 16.58 -17.73 -16.16
C LYS A 354 17.41 -17.12 -15.02
N LEU A 355 17.39 -17.75 -13.86
CA LEU A 355 18.09 -17.24 -12.69
C LEU A 355 19.59 -17.47 -12.76
N GLU A 356 19.99 -18.57 -13.38
CA GLU A 356 21.40 -18.89 -13.54
C GLU A 356 22.03 -18.16 -14.70
N SER A 357 21.26 -17.91 -15.76
CA SER A 357 21.80 -17.23 -16.93
C SER A 357 21.38 -15.77 -17.10
N ARG A 358 20.94 -15.10 -16.03
CA ARG A 358 20.59 -13.68 -16.07
C ARG A 358 20.56 -13.08 -14.66
N GLY A 359 20.92 -13.90 -13.68
CA GLY A 359 20.93 -13.52 -12.28
C GLY A 359 19.56 -13.08 -11.79
N LEU A 360 19.55 -12.32 -10.70
CA LEU A 360 18.28 -11.89 -10.10
C LEU A 360 17.48 -11.03 -11.07
N VAL A 361 18.15 -10.55 -12.13
CA VAL A 361 17.52 -9.62 -13.05
C VAL A 361 16.59 -10.41 -13.97
N GLY A 362 16.60 -11.73 -13.83
CA GLY A 362 15.80 -12.57 -14.69
C GLY A 362 14.40 -12.71 -14.14
N VAL A 363 14.27 -12.39 -12.86
CA VAL A 363 13.03 -12.57 -12.12
C VAL A 363 12.61 -11.31 -11.37
N GLU A 364 13.35 -10.23 -11.57
CA GLU A 364 12.99 -8.93 -11.02
C GLU A 364 11.58 -8.50 -11.43
N CYS A 365 10.79 -8.11 -10.42
CA CYS A 365 9.37 -7.85 -10.63
C CYS A 365 8.77 -6.82 -9.66
N ILE A 366 7.60 -6.30 -10.01
CA ILE A 366 6.79 -5.50 -9.10
C ILE A 366 6.27 -6.39 -7.96
N THR A 367 6.68 -6.06 -6.75
CA THR A 367 6.36 -6.85 -5.57
C THR A 367 6.06 -5.88 -4.43
N PRO A 368 5.27 -6.31 -3.43
CA PRO A 368 5.12 -5.52 -2.19
C PRO A 368 6.43 -4.95 -1.62
N TYR A 369 7.56 -5.54 -2.01
CA TYR A 369 8.88 -4.99 -1.73
C TYR A 369 9.10 -3.70 -2.50
N SER A 370 9.72 -2.71 -1.87
CA SER A 370 10.04 -1.44 -2.52
C SER A 370 10.98 -1.64 -3.73
N TYR A 371 11.53 -2.84 -3.86
CA TYR A 371 12.62 -3.15 -4.80
C TYR A 371 12.23 -4.08 -5.95
N LYS A 372 12.64 -3.71 -7.15
CA LYS A 372 12.46 -4.54 -8.33
C LYS A 372 13.17 -5.88 -8.20
N SER A 373 14.36 -5.87 -7.59
CA SER A 373 15.09 -7.12 -7.38
C SER A 373 15.97 -7.06 -6.15
N LEU A 374 16.27 -8.22 -5.58
CA LEU A 374 17.00 -8.32 -4.33
C LEU A 374 18.39 -7.68 -4.45
N ALA A 375 18.81 -7.43 -5.69
CA ALA A 375 20.13 -6.86 -5.96
C ALA A 375 20.16 -5.37 -5.61
N MET A 376 19.01 -4.72 -5.73
CA MET A 376 18.89 -3.30 -5.43
C MET A 376 19.02 -3.14 -3.92
N ALA A 377 18.65 -4.20 -3.22
CA ALA A 377 18.64 -4.19 -1.77
C ALA A 377 20.07 -4.42 -1.33
N LEU A 378 20.67 -5.49 -1.84
CA LEU A 378 22.01 -5.90 -1.44
C LEU A 378 23.00 -4.81 -1.80
N GLN A 379 22.67 -4.08 -2.86
CA GLN A 379 23.38 -2.88 -3.27
C GLN A 379 23.91 -2.07 -2.10
N ARG A 380 22.98 -1.56 -1.30
CA ARG A 380 23.30 -0.68 -0.19
C ARG A 380 24.21 -1.43 0.77
N CYS A 381 23.81 -2.67 1.08
CA CYS A 381 24.52 -3.52 2.03
C CYS A 381 25.98 -3.66 1.62
N VAL A 382 26.25 -3.43 0.35
CA VAL A 382 27.58 -3.66 -0.20
C VAL A 382 28.31 -2.34 -0.24
N GLU A 383 27.57 -1.24 -0.37
CA GLU A 383 28.19 0.08 -0.37
C GLU A 383 28.70 0.47 1.01
N VAL A 384 27.89 0.20 2.03
CA VAL A 384 28.21 0.54 3.41
C VAL A 384 29.44 -0.17 3.95
N LEU A 385 29.80 -1.28 3.31
CA LEU A 385 30.82 -2.17 3.84
C LEU A 385 32.20 -1.55 3.92
N SER A 386 32.90 -1.80 5.03
CA SER A 386 34.31 -1.45 5.16
C SER A 386 35.00 -1.82 3.83
N ASP A 387 35.81 -0.91 3.29
CA ASP A 387 36.51 -1.11 2.03
C ASP A 387 37.19 -2.50 1.90
N GLU A 388 37.75 -2.95 3.01
CA GLU A 388 38.44 -4.23 3.08
C GLU A 388 37.41 -5.36 3.06
N ASP A 389 36.27 -5.10 3.70
CA ASP A 389 35.21 -6.07 3.71
C ASP A 389 34.59 -6.10 2.31
N ARG A 390 34.59 -4.94 1.65
CA ARG A 390 34.10 -4.84 0.29
C ARG A 390 34.94 -5.73 -0.60
N SER A 391 36.21 -5.87 -0.22
CA SER A 391 37.14 -6.69 -0.99
C SER A 391 36.87 -8.18 -0.78
N ALA A 392 36.92 -8.60 0.49
CA ALA A 392 36.56 -9.97 0.86
C ALA A 392 35.27 -10.44 0.17
N LEU A 393 34.24 -9.58 0.23
CA LEU A 393 32.96 -9.93 -0.35
C LEU A 393 33.18 -10.04 -1.87
N ALA A 394 33.90 -9.09 -2.44
CA ALA A 394 34.03 -9.03 -3.90
C ALA A 394 34.66 -10.32 -4.43
N PHE A 395 35.47 -10.96 -3.59
CA PHE A 395 36.15 -12.21 -3.96
C PHE A 395 35.39 -13.49 -3.64
N ALA A 396 34.59 -13.50 -2.57
CA ALA A 396 33.81 -14.70 -2.26
C ALA A 396 32.88 -15.25 -3.36
N VAL A 397 32.89 -14.67 -4.56
CA VAL A 397 32.19 -15.25 -5.70
C VAL A 397 32.73 -16.64 -6.03
N VAL A 398 34.03 -16.70 -6.32
CA VAL A 398 34.72 -17.90 -6.79
C VAL A 398 34.73 -19.07 -5.78
N MET A 399 33.69 -19.16 -4.97
CA MET A 399 33.54 -20.29 -4.06
C MET A 399 32.52 -21.29 -4.60
N PRO A 400 32.22 -22.35 -3.82
CA PRO A 400 31.04 -23.15 -4.17
C PRO A 400 29.86 -22.69 -3.34
N PRO A 401 28.72 -22.43 -3.97
CA PRO A 401 27.64 -21.94 -3.12
C PRO A 401 26.91 -23.11 -2.50
N GLY A 402 26.35 -22.88 -1.32
CA GLY A 402 25.59 -23.89 -0.60
C GLY A 402 26.52 -25.05 -0.35
N VAL A 403 27.74 -24.73 0.09
CA VAL A 403 28.76 -25.71 0.45
C VAL A 403 29.56 -25.18 1.63
N ASP A 404 29.71 -26.00 2.67
CA ASP A 404 30.48 -25.63 3.85
C ASP A 404 32.00 -25.88 3.69
N ILE A 405 32.81 -24.82 3.78
CA ILE A 405 34.23 -24.88 3.42
C ILE A 405 35.12 -24.14 4.44
N PRO A 406 36.30 -24.70 4.75
CA PRO A 406 37.24 -24.23 5.77
C PRO A 406 37.78 -22.82 5.55
N VAL A 407 38.36 -22.23 6.60
CA VAL A 407 38.87 -20.86 6.57
C VAL A 407 40.09 -20.75 5.66
N LYS A 408 40.99 -21.73 5.78
CA LYS A 408 42.21 -21.71 4.97
C LYS A 408 41.80 -21.79 3.50
N LEU A 409 40.86 -22.68 3.17
CA LEU A 409 40.30 -22.73 1.82
C LEU A 409 39.78 -21.36 1.35
N TRP A 410 39.59 -20.45 2.30
CA TRP A 410 39.15 -19.08 2.00
C TRP A 410 40.34 -18.13 1.96
N SER A 411 41.31 -18.37 2.83
CA SER A 411 42.52 -17.54 2.89
C SER A 411 43.19 -17.39 1.52
N CYS A 412 42.82 -18.27 0.59
CA CYS A 412 43.46 -18.29 -0.72
C CYS A 412 42.98 -17.17 -1.64
N VAL A 413 41.67 -16.95 -1.67
CA VAL A 413 41.14 -15.89 -2.53
C VAL A 413 41.00 -14.56 -1.80
N ILE A 414 40.79 -14.64 -0.48
CA ILE A 414 40.54 -13.43 0.30
C ILE A 414 41.86 -12.68 0.55
N PRO A 415 41.87 -11.37 0.29
CA PRO A 415 42.95 -10.40 0.55
C PRO A 415 43.34 -10.28 2.01
N VAL A 416 44.45 -9.58 2.27
CA VAL A 416 44.95 -9.18 3.59
C VAL A 416 46.22 -8.34 3.41
N ASP A 417 46.30 -7.25 4.16
CA ASP A 417 47.50 -6.40 4.14
C ASP A 417 48.70 -7.18 4.65
N GLU A 424 52.79 -13.44 7.03
CA GLU A 424 53.13 -14.28 8.18
C GLU A 424 52.42 -15.62 8.03
N GLN A 425 52.13 -16.31 9.12
CA GLN A 425 51.64 -17.67 8.98
C GLN A 425 50.28 -17.97 9.58
N LEU A 426 49.75 -17.12 10.46
CA LEU A 426 48.39 -17.35 10.91
C LEU A 426 47.37 -16.48 10.20
N ASP A 427 46.56 -17.08 9.32
CA ASP A 427 45.50 -16.34 8.65
C ASP A 427 44.18 -16.52 9.39
N ASP A 428 44.02 -15.84 10.52
CA ASP A 428 42.73 -15.76 11.20
C ASP A 428 41.98 -14.50 10.80
N GLU A 429 42.74 -13.49 10.39
CA GLU A 429 42.20 -12.23 9.89
C GLU A 429 41.09 -12.43 8.86
N VAL A 430 41.22 -13.52 8.10
CA VAL A 430 40.21 -13.92 7.14
C VAL A 430 38.90 -14.18 7.87
N ALA A 431 38.96 -14.98 8.92
CA ALA A 431 37.78 -15.26 9.72
C ALA A 431 37.14 -14.00 10.28
N ASP A 432 37.96 -13.07 10.75
CA ASP A 432 37.42 -11.85 11.34
C ASP A 432 36.64 -11.04 10.31
N ARG A 433 37.19 -11.00 9.09
CA ARG A 433 36.52 -10.29 8.00
C ARG A 433 35.24 -11.00 7.56
N LEU A 434 35.31 -12.32 7.42
CA LEU A 434 34.15 -13.11 7.00
C LEU A 434 33.03 -13.08 8.04
N LYS A 435 33.43 -12.91 9.30
CA LYS A 435 32.46 -12.69 10.37
C LYS A 435 31.80 -11.34 10.21
N ARG A 436 32.57 -10.25 10.22
CA ARG A 436 31.98 -8.95 9.90
C ARG A 436 31.02 -9.04 8.72
N LEU A 437 31.37 -9.89 7.77
CA LEU A 437 30.61 -10.06 6.53
C LEU A 437 29.28 -10.76 6.69
N SER A 438 29.21 -11.75 7.58
CA SER A 438 27.92 -12.34 7.91
C SER A 438 27.09 -11.50 8.88
N LYS A 439 27.71 -10.93 9.89
CA LYS A 439 27.04 -9.97 10.79
C LYS A 439 26.33 -8.78 10.13
N ARG A 440 26.80 -8.37 8.94
CA ARG A 440 26.42 -7.07 8.36
C ARG A 440 25.63 -7.20 7.06
N GLY A 441 24.53 -7.92 7.08
CA GLY A 441 23.69 -8.05 5.91
C GLY A 441 23.44 -9.52 5.64
N ALA A 442 24.05 -10.34 6.50
CA ALA A 442 23.97 -11.79 6.44
C ALA A 442 24.34 -12.24 5.05
N LEU A 443 25.57 -11.92 4.69
CA LEU A 443 26.05 -12.20 3.35
C LEU A 443 26.77 -13.55 3.32
N LEU A 444 27.43 -13.87 4.43
CA LEU A 444 28.09 -15.17 4.60
C LEU A 444 27.20 -16.14 5.40
N SER A 445 27.77 -16.65 6.50
CA SER A 445 27.25 -17.80 7.26
C SER A 445 28.32 -18.48 8.11
N GLY A 446 28.35 -18.17 9.40
CA GLY A 446 29.33 -18.79 10.28
C GLY A 446 28.86 -20.07 10.99
N LYS A 447 29.79 -21.02 11.16
CA LYS A 447 29.47 -22.33 11.72
C LYS A 447 30.69 -22.89 12.47
N ARG A 448 30.67 -22.78 13.80
CA ARG A 448 31.86 -22.95 14.64
C ARG A 448 32.59 -24.30 14.54
N MET A 449 31.94 -25.38 14.98
CA MET A 449 32.50 -26.74 14.81
C MET A 449 31.66 -27.57 13.83
N PRO A 450 32.19 -28.71 13.34
CA PRO A 450 33.41 -29.50 13.62
C PRO A 450 34.72 -28.74 13.40
N VAL A 451 34.79 -27.98 12.33
CA VAL A 451 35.95 -27.14 12.05
C VAL A 451 35.45 -25.77 11.62
N LEU A 452 36.21 -24.74 12.01
CA LEU A 452 35.87 -23.35 11.67
C LEU A 452 35.65 -23.18 10.17
N THR A 453 34.38 -23.05 9.79
CA THR A 453 34.02 -22.97 8.39
C THR A 453 32.92 -21.94 8.17
N PHE A 454 32.95 -21.30 7.00
CA PHE A 454 31.89 -20.38 6.62
C PHE A 454 31.22 -20.94 5.40
N LYS A 455 30.28 -20.18 4.83
CA LYS A 455 29.57 -20.63 3.65
C LYS A 455 28.85 -19.45 3.02
N ILE A 456 28.85 -19.42 1.70
CA ILE A 456 28.13 -18.39 0.96
C ILE A 456 26.91 -19.06 0.34
N ASP A 457 25.74 -18.45 0.56
CA ASP A 457 24.49 -18.98 0.05
C ASP A 457 24.31 -18.72 -1.45
N HIS A 458 23.17 -19.15 -1.99
CA HIS A 458 22.95 -19.00 -3.42
C HIS A 458 22.42 -17.65 -3.91
N ILE A 459 21.47 -17.05 -3.20
CA ILE A 459 20.95 -15.73 -3.60
C ILE A 459 22.06 -14.72 -3.54
N ILE A 460 22.77 -14.80 -2.42
CA ILE A 460 23.92 -13.99 -2.09
C ILE A 460 25.12 -14.26 -3.00
N HIS A 461 25.02 -15.30 -3.82
CA HIS A 461 26.06 -15.62 -4.77
C HIS A 461 25.63 -15.02 -6.09
N MET A 462 24.48 -15.44 -6.64
CA MET A 462 24.04 -14.94 -7.95
C MET A 462 23.84 -13.43 -7.93
N PHE A 463 23.95 -12.84 -6.74
CA PHE A 463 24.04 -11.40 -6.65
C PHE A 463 25.37 -11.00 -7.24
N LEU A 464 26.44 -11.50 -6.62
CA LEU A 464 27.81 -11.26 -7.05
C LEU A 464 28.17 -11.70 -8.45
N LYS A 465 27.72 -12.87 -8.87
CA LYS A 465 27.87 -13.31 -10.26
C LYS A 465 27.68 -12.15 -11.24
N HIS A 466 26.45 -11.81 -11.59
CA HIS A 466 26.23 -10.75 -12.57
C HIS A 466 26.46 -9.34 -11.99
N VAL A 467 27.45 -9.16 -11.09
CA VAL A 467 27.60 -7.87 -10.44
C VAL A 467 29.05 -7.42 -10.20
N VAL A 468 29.92 -8.36 -9.84
CA VAL A 468 31.34 -8.03 -9.70
C VAL A 468 32.06 -7.93 -11.03
N ASP A 469 33.18 -7.22 -11.03
CA ASP A 469 34.01 -6.99 -12.21
C ASP A 469 34.41 -8.31 -12.88
N ALA A 470 34.05 -8.45 -14.14
CA ALA A 470 34.29 -9.66 -14.94
C ALA A 470 35.73 -10.22 -14.86
N GLN A 471 36.69 -9.33 -14.62
CA GLN A 471 38.09 -9.71 -14.45
C GLN A 471 38.32 -10.46 -13.14
N THR A 472 37.85 -9.88 -12.05
CA THR A 472 38.09 -10.37 -10.71
C THR A 472 37.62 -11.81 -10.52
N ILE A 473 36.66 -12.25 -11.33
CA ILE A 473 36.28 -13.65 -11.33
C ILE A 473 37.43 -14.54 -11.80
N ALA A 474 37.90 -14.34 -13.03
CA ALA A 474 38.98 -15.17 -13.57
C ALA A 474 40.26 -15.04 -12.76
N ASN A 475 40.49 -13.85 -12.20
CA ASN A 475 41.67 -13.66 -11.36
C ASN A 475 41.54 -14.42 -10.05
N GLY A 476 40.32 -14.52 -9.53
CA GLY A 476 40.15 -15.22 -8.28
C GLY A 476 40.25 -16.71 -8.51
N ILE A 477 39.78 -17.15 -9.67
CA ILE A 477 39.85 -18.56 -10.03
C ILE A 477 41.30 -19.00 -10.17
N SER A 478 42.12 -18.22 -10.86
CA SER A 478 43.54 -18.55 -10.97
C SER A 478 44.28 -18.45 -9.63
N ILE A 479 44.06 -17.34 -8.92
CA ILE A 479 44.61 -17.12 -7.58
C ILE A 479 44.20 -18.26 -6.63
N LEU A 480 43.18 -19.01 -7.02
CA LEU A 480 42.77 -20.17 -6.24
C LEU A 480 43.59 -21.36 -6.72
N GLU A 481 43.60 -21.59 -8.03
CA GLU A 481 44.37 -22.71 -8.61
C GLU A 481 45.86 -22.71 -8.20
N GLN A 482 46.36 -21.57 -7.71
CA GLN A 482 47.75 -21.51 -7.22
C GLN A 482 48.00 -22.28 -5.90
N ARG A 483 47.38 -21.85 -4.80
CA ARG A 483 47.56 -22.45 -3.46
C ARG A 483 47.12 -23.93 -3.38
N LEU A 484 46.46 -24.33 -4.45
CA LEU A 484 45.76 -25.59 -4.72
C LEU A 484 46.65 -26.83 -4.92
N LEU A 485 47.79 -26.95 -4.24
CA LEU A 485 48.76 -27.98 -4.63
C LEU A 485 49.89 -28.40 -3.69
N GLU A 486 50.29 -27.54 -2.74
CA GLU A 486 51.65 -27.42 -2.23
C GLU A 486 52.40 -28.72 -1.92
N ILE A 487 52.07 -29.50 -0.91
CA ILE A 487 52.84 -30.73 -0.75
C ILE A 487 52.06 -31.96 -1.22
N GLU A 521 28.19 -33.64 0.15
CA GLU A 521 27.40 -34.40 1.11
C GLU A 521 27.54 -33.83 2.52
N THR A 522 26.71 -34.32 3.44
CA THR A 522 26.73 -33.91 4.84
C THR A 522 28.04 -34.24 5.56
N VAL A 523 29.13 -34.26 4.81
CA VAL A 523 30.47 -34.46 5.34
C VAL A 523 31.40 -33.37 4.82
N ILE A 524 32.10 -32.72 5.73
CA ILE A 524 33.05 -31.69 5.35
C ILE A 524 34.28 -32.29 4.67
N ARG A 525 34.88 -31.49 3.79
CA ARG A 525 36.03 -31.88 3.02
C ARG A 525 37.27 -31.87 3.91
N PRO A 526 37.94 -33.03 4.01
CA PRO A 526 39.09 -33.26 4.89
C PRO A 526 40.40 -32.62 4.43
N GLU A 527 41.30 -32.46 5.39
CA GLU A 527 42.59 -31.81 5.19
C GLU A 527 43.59 -32.70 4.45
N ASP A 528 43.22 -33.95 4.22
CA ASP A 528 44.06 -34.84 3.43
C ASP A 528 43.75 -34.56 1.97
N PHE A 529 42.59 -33.94 1.75
CA PHE A 529 42.03 -33.70 0.42
C PHE A 529 41.71 -32.24 0.01
N PRO A 530 42.42 -31.22 0.56
CA PRO A 530 42.10 -29.88 0.07
C PRO A 530 42.74 -29.56 -1.28
N LYS A 531 43.90 -30.16 -1.53
CA LYS A 531 44.67 -29.95 -2.75
C LYS A 531 43.84 -30.05 -4.04
N PHE A 532 42.75 -30.81 -4.00
CA PHE A 532 41.82 -30.92 -5.14
C PHE A 532 40.39 -30.44 -4.88
N MET A 533 40.16 -29.15 -5.14
CA MET A 533 38.81 -28.59 -5.19
C MET A 533 37.98 -29.11 -6.38
N GLN A 534 38.50 -30.12 -7.08
CA GLN A 534 37.86 -30.59 -8.30
C GLN A 534 36.52 -31.23 -8.00
N LEU A 535 36.26 -31.50 -6.73
CA LEU A 535 34.97 -32.03 -6.31
C LEU A 535 33.88 -31.05 -6.78
N HIS A 536 34.18 -29.75 -6.62
CA HIS A 536 33.27 -28.66 -6.98
C HIS A 536 33.53 -28.11 -8.39
N GLN A 537 34.12 -28.93 -9.26
CA GLN A 537 34.36 -28.57 -10.67
C GLN A 537 33.16 -28.01 -11.44
N LYS A 538 31.98 -28.57 -11.20
CA LYS A 538 30.73 -28.15 -11.85
C LYS A 538 30.56 -26.62 -11.70
N PHE A 539 30.50 -26.20 -10.44
CA PHE A 539 30.28 -24.78 -10.13
C PHE A 539 31.54 -23.97 -10.36
N TYR A 540 32.50 -24.50 -11.12
CA TYR A 540 33.71 -23.75 -11.39
C TYR A 540 33.79 -23.71 -12.89
N ASP A 541 33.27 -24.76 -13.52
CA ASP A 541 33.28 -24.85 -14.97
C ASP A 541 32.27 -23.80 -15.41
N SER A 542 31.36 -23.49 -14.49
CA SER A 542 30.31 -22.52 -14.74
C SER A 542 30.82 -21.08 -14.67
N LEU A 543 31.66 -20.75 -13.70
CA LEU A 543 32.29 -19.43 -13.67
C LEU A 543 33.33 -19.25 -14.77
N LYS A 544 33.97 -20.33 -15.20
CA LYS A 544 34.95 -20.17 -16.28
C LYS A 544 34.22 -19.98 -17.60
N ASN A 545 33.15 -20.73 -17.82
CA ASN A 545 32.31 -20.48 -18.99
C ASN A 545 31.71 -19.07 -18.93
N PHE A 546 31.47 -18.59 -17.72
CA PHE A 546 30.96 -17.23 -17.51
C PHE A 546 32.03 -16.21 -17.88
N ALA A 547 33.28 -16.52 -17.56
CA ALA A 547 34.39 -15.61 -17.78
C ALA A 547 35.05 -15.83 -19.14
N CYS A 548 34.43 -16.65 -19.97
CA CYS A 548 34.87 -16.74 -21.37
C CYS A 548 33.81 -16.13 -22.27
N CYS A 549 33.08 -15.14 -21.75
CA CYS A 549 32.02 -14.48 -22.51
C CYS A 549 32.19 -12.96 -22.57
N PRO B 1 37.08 -0.37 -12.60
CA PRO B 1 35.89 -1.14 -12.24
C PRO B 1 36.22 -2.31 -11.32
N LEU B 2 35.51 -2.39 -10.20
CA LEU B 2 35.74 -3.45 -9.21
C LEU B 2 34.40 -3.96 -8.65
N PHE B 3 33.32 -3.43 -9.20
CA PHE B 3 31.98 -3.64 -8.67
C PHE B 3 31.06 -2.84 -9.57
N ASN B 4 30.44 -3.52 -10.54
CA ASN B 4 29.65 -2.84 -11.57
C ASN B 4 28.67 -1.83 -10.98
N PHE B 5 29.23 -0.69 -10.57
CA PHE B 5 28.50 0.36 -9.88
C PHE B 5 27.80 -0.20 -8.64
N LEU B 6 28.57 -0.96 -7.87
CA LEU B 6 28.16 -1.51 -6.57
C LEU B 6 27.08 -2.59 -6.69
N CYS B 7 26.45 -2.69 -7.86
CA CYS B 7 25.45 -3.71 -8.10
C CYS B 7 24.19 -3.18 -8.76
N MET C 1 -22.57 10.27 29.49
CA MET C 1 -23.05 10.74 28.21
C MET C 1 -24.27 9.90 27.77
N LEU C 2 -25.08 10.46 26.89
CA LEU C 2 -26.23 9.75 26.35
C LEU C 2 -25.86 8.78 25.25
N CYS C 3 -26.33 9.04 24.04
CA CYS C 3 -26.00 8.29 22.83
C CYS C 3 -26.85 8.81 21.68
N GLU C 4 -26.79 8.14 20.53
CA GLU C 4 -27.56 8.59 19.37
C GLU C 4 -29.08 8.54 19.52
N ILE C 5 -29.61 7.51 20.18
CA ILE C 5 -31.05 7.39 20.38
C ILE C 5 -31.61 8.45 21.34
N GLU C 6 -31.01 8.55 22.52
CA GLU C 6 -31.44 9.47 23.58
C GLU C 6 -31.22 10.94 23.25
N CYS C 7 -30.24 11.19 22.39
CA CYS C 7 -29.95 12.57 21.97
C CYS C 7 -30.85 12.83 20.79
N ARG C 8 -31.22 11.78 20.07
CA ARG C 8 -32.20 11.95 19.01
C ARG C 8 -33.53 12.28 19.68
N ALA C 9 -33.73 11.79 20.91
CA ALA C 9 -34.94 12.12 21.65
C ALA C 9 -34.95 13.56 22.18
N LEU C 10 -33.84 13.95 22.82
CA LEU C 10 -33.71 15.34 23.30
C LEU C 10 -33.72 16.38 22.19
N SER C 11 -33.38 15.94 20.98
CA SER C 11 -33.34 16.83 19.82
C SER C 11 -34.70 16.86 19.15
N THR C 12 -35.31 15.69 19.03
CA THR C 12 -36.63 15.54 18.43
C THR C 12 -37.70 16.30 19.21
N ALA C 13 -37.68 16.16 20.54
CA ALA C 13 -38.61 16.89 21.39
C ALA C 13 -38.26 18.33 21.78
N HIS C 14 -37.80 19.14 20.83
CA HIS C 14 -37.41 20.51 21.18
C HIS C 14 -38.54 21.48 20.88
N THR C 15 -39.26 21.23 19.79
CA THR C 15 -40.46 21.99 19.46
C THR C 15 -41.38 21.93 20.66
N ARG C 16 -41.28 20.81 21.38
CA ARG C 16 -42.10 20.52 22.54
C ARG C 16 -41.47 21.11 23.81
N LEU C 17 -40.17 20.86 24.01
CA LEU C 17 -39.50 21.37 25.19
C LEU C 17 -39.44 22.90 25.27
N ILE C 18 -39.91 23.58 24.22
CA ILE C 18 -39.98 25.05 24.28
C ILE C 18 -41.35 25.59 24.69
N HIS C 19 -42.43 24.89 24.34
CA HIS C 19 -43.77 25.39 24.64
C HIS C 19 -44.08 25.29 26.12
N ASP C 20 -43.54 24.29 26.79
CA ASP C 20 -43.83 24.14 28.21
C ASP C 20 -42.76 23.42 29.04
N PHE C 21 -41.98 24.20 29.77
CA PHE C 21 -40.89 23.69 30.59
C PHE C 21 -40.09 24.80 31.28
N GLU C 22 -39.29 24.40 32.27
CA GLU C 22 -38.40 25.28 33.01
C GLU C 22 -37.45 24.39 33.80
N PRO C 23 -36.15 24.56 33.59
CA PRO C 23 -35.09 23.76 34.22
C PRO C 23 -34.93 23.98 35.74
N ARG C 24 -35.35 25.13 36.24
CA ARG C 24 -35.26 25.38 37.68
C ARG C 24 -36.11 24.43 38.49
N ASP C 25 -37.25 24.04 37.93
CA ASP C 25 -38.16 23.12 38.61
C ASP C 25 -37.42 21.82 38.79
N ALA C 26 -36.49 21.54 37.87
CA ALA C 26 -35.80 20.27 37.84
C ALA C 26 -34.43 20.40 38.49
N LEU C 27 -33.98 21.63 38.69
CA LEU C 27 -32.62 21.83 39.19
C LEU C 27 -32.43 21.17 40.55
N THR C 28 -33.42 21.36 41.42
CA THR C 28 -33.35 20.78 42.75
C THR C 28 -33.43 19.27 42.62
N TYR C 29 -34.29 18.81 41.72
CA TYR C 29 -34.49 17.38 41.51
C TYR C 29 -33.24 16.78 40.89
N LEU C 30 -32.40 17.60 40.30
CA LEU C 30 -31.21 17.03 39.72
C LEU C 30 -30.08 17.33 40.69
N GLU C 31 -30.15 18.46 41.40
CA GLU C 31 -29.21 18.66 42.48
C GLU C 31 -29.38 17.53 43.50
N GLY C 32 -30.59 16.94 43.50
CA GLY C 32 -30.91 15.90 44.47
C GLY C 32 -30.52 14.48 44.15
N LYS C 33 -31.06 13.93 43.05
CA LYS C 33 -30.74 12.54 42.69
C LYS C 33 -29.29 12.36 42.25
N ASN C 34 -28.49 13.39 42.51
CA ASN C 34 -27.06 13.37 42.26
C ASN C 34 -26.69 13.21 40.80
N ILE C 35 -26.94 14.24 40.00
CA ILE C 35 -26.73 14.17 38.56
C ILE C 35 -26.45 15.59 38.09
N PHE C 36 -26.43 16.52 39.04
CA PHE C 36 -26.12 17.94 38.81
C PHE C 36 -25.22 18.44 39.93
N THR C 37 -24.87 19.72 39.89
CA THR C 37 -24.05 20.33 40.93
C THR C 37 -24.51 21.76 41.13
N GLU C 38 -24.34 22.29 42.33
CA GLU C 38 -24.87 23.61 42.64
C GLU C 38 -24.21 24.76 41.87
N ASP C 39 -23.09 24.51 41.20
CA ASP C 39 -22.64 25.51 40.22
C ASP C 39 -23.28 25.31 38.87
N HIS C 40 -23.51 24.06 38.50
CA HIS C 40 -24.18 23.73 37.25
C HIS C 40 -25.53 24.41 37.33
N SER C 41 -26.19 24.13 38.45
CA SER C 41 -27.51 24.64 38.76
C SER C 41 -27.47 26.14 38.95
N GLU C 42 -26.35 26.68 39.41
CA GLU C 42 -26.20 28.13 39.47
C GLU C 42 -26.24 28.69 38.05
N LEU C 43 -25.48 28.06 37.15
CA LEU C 43 -25.37 28.48 35.76
C LEU C 43 -26.76 28.46 35.13
N ILE C 44 -27.57 27.46 35.44
CA ILE C 44 -28.89 27.40 34.82
C ILE C 44 -29.99 28.20 35.55
N SER C 45 -29.84 28.45 36.85
CA SER C 45 -30.88 29.15 37.61
C SER C 45 -30.97 30.68 37.48
N LYS C 46 -29.84 31.36 37.32
CA LYS C 46 -29.88 32.80 37.02
C LYS C 46 -29.65 33.06 35.54
N MET C 47 -30.70 32.88 34.75
CA MET C 47 -30.66 33.14 33.32
C MET C 47 -31.91 33.85 32.88
N SER C 48 -31.69 34.98 32.21
CA SER C 48 -32.73 35.91 31.82
C SER C 48 -33.88 35.27 31.04
N THR C 49 -33.57 34.63 29.93
CA THR C 49 -34.61 33.96 29.15
C THR C 49 -34.76 32.48 29.52
N ARG C 50 -35.87 31.89 29.10
CA ARG C 50 -36.19 30.50 29.40
C ARG C 50 -35.43 29.64 28.41
N LEU C 51 -35.30 30.15 27.18
CA LEU C 51 -34.52 29.50 26.13
C LEU C 51 -33.04 29.34 26.54
N GLU C 52 -32.63 30.19 27.47
CA GLU C 52 -31.31 30.11 28.08
C GLU C 52 -31.18 28.94 29.01
N ARG C 53 -32.13 28.87 29.94
CA ARG C 53 -32.19 27.81 30.90
C ARG C 53 -32.40 26.45 30.25
N ILE C 54 -33.10 26.46 29.12
CA ILE C 54 -33.36 25.25 28.35
C ILE C 54 -32.13 24.77 27.59
N ALA C 55 -31.45 25.69 26.91
CA ALA C 55 -30.26 25.32 26.17
C ALA C 55 -29.11 24.88 27.09
N ASN C 56 -29.02 25.52 28.25
CA ASN C 56 -28.07 25.07 29.28
C ASN C 56 -28.47 23.79 29.98
N PHE C 57 -29.76 23.54 30.12
CA PHE C 57 -30.21 22.32 30.75
C PHE C 57 -29.95 21.14 29.85
N LEU C 58 -30.19 21.33 28.55
CA LEU C 58 -29.93 20.27 27.58
C LEU C 58 -28.45 20.06 27.24
N ARG C 59 -27.63 21.10 27.31
CA ARG C 59 -26.18 20.87 27.17
C ARG C 59 -25.58 20.19 28.42
N ILE C 60 -25.70 20.88 29.55
CA ILE C 60 -25.25 20.44 30.88
C ILE C 60 -25.72 19.06 31.37
N TYR C 61 -26.96 18.69 31.06
CA TYR C 61 -27.51 17.41 31.52
C TYR C 61 -26.76 16.19 30.97
N ARG C 62 -26.38 16.24 29.70
CA ARG C 62 -25.78 15.09 29.02
C ARG C 62 -24.44 14.55 29.56
N ARG C 63 -23.72 15.28 30.40
CA ARG C 63 -22.42 14.76 30.86
C ARG C 63 -22.50 13.97 32.17
N GLN C 64 -23.38 14.36 33.08
CA GLN C 64 -23.30 13.88 34.45
C GLN C 64 -24.06 12.55 34.61
N ALA C 65 -25.20 12.45 33.96
CA ALA C 65 -26.07 11.28 34.12
C ALA C 65 -25.65 10.13 33.21
N SER C 66 -25.72 8.92 33.76
CA SER C 66 -25.48 7.69 33.00
C SER C 66 -26.58 7.36 31.99
N GLU C 67 -27.70 8.07 32.09
CA GLU C 67 -28.85 7.82 31.24
C GLU C 67 -29.89 8.96 31.30
N LEU C 68 -30.97 8.80 30.54
CA LEU C 68 -32.05 9.78 30.46
C LEU C 68 -33.24 9.37 31.34
N GLY C 69 -32.94 8.97 32.57
CA GLY C 69 -33.99 8.60 33.51
C GLY C 69 -34.53 9.79 34.29
N PRO C 70 -33.70 10.44 35.12
CA PRO C 70 -34.12 11.57 35.96
C PRO C 70 -34.61 12.81 35.19
N LEU C 71 -35.19 12.58 34.01
CA LEU C 71 -35.81 13.65 33.24
C LEU C 71 -37.14 13.16 32.70
N ILE C 72 -37.31 11.84 32.64
CA ILE C 72 -38.63 11.27 32.43
C ILE C 72 -39.41 11.25 33.74
N ASP C 73 -38.72 10.78 34.78
CA ASP C 73 -39.23 10.80 36.15
C ASP C 73 -39.36 12.20 36.75
N PHE C 74 -39.53 13.20 35.88
CA PHE C 74 -39.76 14.58 36.29
C PHE C 74 -40.88 15.26 35.53
N PHE C 75 -40.87 15.14 34.20
CA PHE C 75 -41.93 15.71 33.39
C PHE C 75 -43.27 15.10 33.81
N ASN C 76 -43.22 13.89 34.37
CA ASN C 76 -44.37 13.27 35.01
C ASN C 76 -44.97 14.11 36.13
N TYR C 77 -44.20 14.28 37.21
CA TYR C 77 -44.63 14.99 38.41
C TYR C 77 -45.04 16.46 38.18
N ASN C 78 -44.44 17.10 37.19
CA ASN C 78 -44.65 18.53 36.95
C ASN C 78 -45.89 18.91 36.12
N ASN C 79 -46.85 18.00 35.99
CA ASN C 79 -48.05 18.23 35.17
C ASN C 79 -47.72 18.46 33.69
N GLN C 80 -46.46 18.23 33.36
CA GLN C 80 -45.98 18.28 31.98
C GLN C 80 -45.82 16.87 31.43
N SER C 81 -46.78 16.01 31.76
CA SER C 81 -46.73 14.59 31.39
C SER C 81 -46.83 14.33 29.89
N HIS C 82 -47.37 15.28 29.14
CA HIS C 82 -47.43 15.20 27.69
C HIS C 82 -46.03 15.15 27.06
N LEU C 83 -45.02 15.49 27.85
CA LEU C 83 -43.63 15.41 27.41
C LEU C 83 -43.07 14.01 27.72
N ALA C 84 -43.09 13.66 29.02
CA ALA C 84 -42.58 12.37 29.49
C ALA C 84 -43.27 11.17 28.86
N ASP C 85 -44.48 11.36 28.33
CA ASP C 85 -45.15 10.28 27.61
C ASP C 85 -44.52 10.11 26.24
N PHE C 86 -44.27 11.21 25.55
CA PHE C 86 -43.60 11.16 24.27
C PHE C 86 -42.23 10.51 24.41
N LEU C 87 -41.49 10.93 25.43
CA LEU C 87 -40.16 10.38 25.64
C LEU C 87 -40.16 8.91 26.12
N GLU C 88 -41.09 8.53 27.00
CA GLU C 88 -41.18 7.13 27.39
C GLU C 88 -41.66 6.22 26.27
N ASP C 89 -42.52 6.76 25.42
CA ASP C 89 -42.98 6.04 24.26
C ASP C 89 -41.81 5.80 23.31
N TYR C 90 -40.96 6.81 23.15
CA TYR C 90 -39.82 6.71 22.25
C TYR C 90 -38.74 5.74 22.80
N ILE C 91 -38.53 5.83 24.12
CA ILE C 91 -37.57 4.98 24.80
C ILE C 91 -38.12 3.58 24.73
N ASP C 92 -39.43 3.45 24.52
CA ASP C 92 -39.99 2.12 24.43
C ASP C 92 -39.76 1.73 22.98
N PHE C 93 -39.91 2.69 22.06
CA PHE C 93 -39.59 2.40 20.66
C PHE C 93 -38.10 2.36 20.40
N ALA C 94 -37.34 1.91 21.39
CA ALA C 94 -35.90 1.73 21.19
C ALA C 94 -35.34 0.71 22.18
N ILE C 95 -35.84 0.72 23.41
CA ILE C 95 -35.46 -0.27 24.43
C ILE C 95 -36.12 -1.62 24.15
N ASN C 96 -37.38 -1.51 23.73
CA ASN C 96 -38.25 -2.65 23.45
C ASN C 96 -38.33 -3.15 22.02
N GLU C 97 -37.55 -2.58 21.11
CA GLU C 97 -37.62 -3.07 19.74
C GLU C 97 -36.23 -3.06 19.14
N PRO C 98 -35.86 -4.15 18.45
CA PRO C 98 -34.51 -4.19 17.90
C PRO C 98 -34.53 -3.71 16.46
N ASP C 99 -35.47 -2.82 16.15
CA ASP C 99 -35.62 -2.36 14.79
C ASP C 99 -36.08 -0.92 14.70
N LEU C 100 -35.46 -0.17 13.80
CA LEU C 100 -35.72 1.25 13.66
C LEU C 100 -35.67 1.51 12.17
N LEU C 101 -34.59 2.13 11.71
CA LEU C 101 -34.60 2.71 10.37
C LEU C 101 -33.44 2.34 9.45
N ARG C 102 -32.28 1.93 9.99
CA ARG C 102 -31.12 1.55 9.18
C ARG C 102 -30.66 2.79 8.36
N PRO C 103 -29.54 2.71 7.63
CA PRO C 103 -29.31 3.82 6.68
C PRO C 103 -30.13 3.75 5.38
N VAL C 104 -31.24 4.49 5.34
CA VAL C 104 -32.14 4.52 4.18
C VAL C 104 -32.75 5.92 3.99
N VAL C 105 -34.06 5.99 3.74
CA VAL C 105 -34.72 7.22 3.30
C VAL C 105 -35.96 7.57 4.12
N ILE C 106 -36.01 8.81 4.62
CA ILE C 106 -37.19 9.36 5.28
C ILE C 106 -37.28 10.88 5.12
N ALA C 107 -36.33 11.43 4.38
CA ALA C 107 -36.40 12.82 3.94
C ALA C 107 -36.01 12.92 2.47
N PRO C 108 -36.97 12.63 1.59
CA PRO C 108 -36.73 12.28 0.19
C PRO C 108 -36.31 13.47 -0.66
N GLN C 109 -35.79 13.15 -1.85
CA GLN C 109 -35.12 14.03 -2.81
C GLN C 109 -33.62 13.92 -2.60
N PHE C 110 -33.14 12.71 -2.35
CA PHE C 110 -31.70 12.45 -2.35
C PHE C 110 -31.15 12.78 -3.75
N SER C 111 -32.06 13.14 -4.63
CA SER C 111 -31.79 13.53 -6.02
C SER C 111 -30.94 14.78 -6.15
N ARG C 112 -31.01 15.67 -5.16
CA ARG C 112 -30.14 16.82 -5.11
C ARG C 112 -29.05 16.60 -4.07
N GLN C 113 -29.28 15.61 -3.23
CA GLN C 113 -28.31 15.29 -2.20
C GLN C 113 -27.20 14.44 -2.80
N MET C 114 -27.45 13.14 -2.86
CA MET C 114 -26.54 12.18 -3.49
C MET C 114 -26.12 12.45 -4.96
N LEU C 115 -27.10 12.65 -5.85
CA LEU C 115 -26.82 13.04 -7.23
C LEU C 115 -26.14 14.40 -7.34
N ASP C 116 -26.88 15.46 -7.09
CA ASP C 116 -26.31 16.80 -7.25
C ASP C 116 -25.12 16.95 -6.31
N ARG C 117 -25.39 17.15 -5.02
CA ARG C 117 -24.44 17.74 -4.10
C ARG C 117 -23.17 16.91 -3.89
N LYS C 118 -23.31 15.66 -3.48
CA LYS C 118 -22.14 14.84 -3.17
C LYS C 118 -21.34 14.45 -4.41
N LEU C 119 -22.01 14.13 -5.51
CA LEU C 119 -21.28 13.79 -6.72
C LEU C 119 -20.46 14.98 -7.18
N LEU C 120 -21.13 16.12 -7.32
CA LEU C 120 -20.48 17.34 -7.79
C LEU C 120 -19.32 17.76 -6.89
N LEU C 121 -19.51 17.65 -5.59
CA LEU C 121 -18.47 18.14 -4.68
C LEU C 121 -17.30 17.16 -4.63
N GLY C 122 -17.57 15.89 -4.91
CA GLY C 122 -16.54 14.88 -5.01
C GLY C 122 -15.95 14.80 -6.41
N ASN C 123 -16.30 15.78 -7.24
CA ASN C 123 -15.80 15.89 -8.62
C ASN C 123 -16.09 14.67 -9.48
N VAL C 124 -17.19 13.98 -9.21
CA VAL C 124 -17.61 12.88 -10.06
C VAL C 124 -18.18 13.49 -11.32
N PRO C 125 -17.73 13.02 -12.49
CA PRO C 125 -18.18 13.48 -13.81
C PRO C 125 -19.63 13.13 -14.13
N LYS C 126 -20.24 13.93 -15.00
CA LYS C 126 -21.66 13.83 -15.30
C LYS C 126 -21.99 12.58 -16.09
N GLN C 127 -22.10 11.45 -15.41
CA GLN C 127 -22.47 10.13 -15.96
C GLN C 127 -23.08 10.10 -17.36
N MET C 128 -22.72 9.10 -18.15
CA MET C 128 -23.30 8.98 -19.47
C MET C 128 -24.68 8.37 -19.42
N THR C 129 -25.49 8.73 -20.40
CA THR C 129 -26.92 8.49 -20.35
C THR C 129 -27.47 7.78 -21.59
N CYS C 130 -27.00 8.21 -22.77
CA CYS C 130 -27.54 7.70 -24.02
C CYS C 130 -27.20 6.24 -24.30
N TYR C 131 -26.24 5.70 -23.56
CA TYR C 131 -26.00 4.26 -23.54
C TYR C 131 -25.34 3.88 -22.23
N ILE C 132 -25.81 2.78 -21.64
CA ILE C 132 -25.18 2.29 -20.42
C ILE C 132 -24.81 0.84 -20.65
N ARG C 133 -23.56 0.48 -20.36
CA ARG C 133 -23.17 -0.92 -20.45
C ARG C 133 -23.67 -1.65 -19.20
N GLU C 134 -24.74 -2.41 -19.32
CA GLU C 134 -25.34 -3.05 -18.15
C GLU C 134 -24.30 -3.83 -17.36
N TYR C 135 -23.88 -4.98 -17.92
CA TYR C 135 -23.02 -5.93 -17.23
C TYR C 135 -21.93 -5.26 -16.41
N HIS C 136 -21.19 -4.35 -17.01
CA HIS C 136 -19.97 -3.87 -16.38
C HIS C 136 -20.30 -2.90 -15.26
N VAL C 137 -21.05 -1.84 -15.56
CA VAL C 137 -21.43 -0.86 -14.54
C VAL C 137 -22.11 -1.55 -13.35
N ASP C 138 -22.88 -2.59 -13.67
CA ASP C 138 -23.59 -3.37 -12.66
C ASP C 138 -22.59 -4.09 -11.78
N ARG C 139 -21.62 -4.78 -12.38
CA ARG C 139 -20.67 -5.56 -11.59
C ARG C 139 -19.81 -4.64 -10.75
N VAL C 140 -19.47 -3.47 -11.28
CA VAL C 140 -18.82 -2.45 -10.46
C VAL C 140 -19.67 -2.15 -9.23
N ILE C 141 -20.94 -1.79 -9.41
CA ILE C 141 -21.76 -1.44 -8.25
C ILE C 141 -21.86 -2.60 -7.24
N LYS C 142 -22.10 -3.80 -7.76
CA LYS C 142 -22.16 -5.02 -6.95
C LYS C 142 -20.91 -5.23 -6.12
N LYS C 143 -19.78 -5.30 -6.81
CA LYS C 143 -18.50 -5.55 -6.19
C LYS C 143 -18.08 -4.41 -5.28
N LEU C 144 -18.71 -3.24 -5.43
CA LEU C 144 -18.46 -2.16 -4.49
C LEU C 144 -19.29 -2.36 -3.23
N ASP C 145 -20.54 -2.77 -3.42
CA ASP C 145 -21.41 -3.11 -2.29
C ASP C 145 -20.83 -4.20 -1.40
N GLU C 146 -20.22 -5.22 -2.01
CA GLU C 146 -19.75 -6.37 -1.23
C GLU C 146 -18.60 -6.00 -0.29
N MET C 147 -18.01 -4.84 -0.54
CA MET C 147 -16.75 -4.45 0.09
C MET C 147 -16.88 -3.24 1.01
N CYS C 148 -18.03 -2.58 0.97
CA CYS C 148 -18.28 -1.42 1.81
C CYS C 148 -18.03 -1.68 3.30
N ASP C 149 -18.07 -2.95 3.71
CA ASP C 149 -17.77 -3.34 5.07
C ASP C 149 -16.27 -3.16 5.36
N LEU C 150 -15.46 -3.66 4.43
CA LEU C 150 -14.00 -3.61 4.48
C LEU C 150 -13.38 -2.24 4.78
N ASP C 151 -12.20 -2.28 5.41
CA ASP C 151 -11.49 -1.09 5.84
C ASP C 151 -10.65 -0.46 4.72
N SER C 152 -10.23 -1.29 3.78
CA SER C 152 -9.43 -0.83 2.64
C SER C 152 -9.28 -1.93 1.60
N PHE C 153 -9.36 -1.55 0.33
CA PHE C 153 -9.46 -2.53 -0.75
C PHE C 153 -9.26 -1.88 -2.12
N PHE C 154 -8.78 -2.68 -3.07
CA PHE C 154 -8.63 -2.19 -4.43
C PHE C 154 -9.59 -2.86 -5.41
N LEU C 155 -10.29 -2.02 -6.17
CA LEU C 155 -11.06 -2.49 -7.31
C LEU C 155 -10.40 -1.89 -8.54
N PHE C 156 -9.93 -2.76 -9.43
CA PHE C 156 -9.22 -2.34 -10.62
C PHE C 156 -10.13 -2.41 -11.83
N LEU C 157 -10.66 -1.28 -12.28
CA LEU C 157 -11.48 -1.30 -13.47
C LEU C 157 -10.56 -1.04 -14.66
N HIS C 158 -9.85 -2.10 -15.06
CA HIS C 158 -8.82 -1.99 -16.10
C HIS C 158 -9.20 -2.45 -17.51
N GLY C 159 -8.71 -1.72 -18.51
CA GLY C 159 -8.92 -2.10 -19.90
C GLY C 159 -8.00 -1.38 -20.87
N ARG C 160 -8.21 -1.64 -22.16
CA ARG C 160 -7.59 -0.91 -23.27
C ARG C 160 -7.74 0.61 -23.11
N ALA C 161 -7.08 1.36 -23.98
CA ALA C 161 -7.22 2.81 -23.97
C ALA C 161 -8.48 3.19 -24.73
N GLY C 162 -9.24 4.11 -24.16
CA GLY C 162 -10.52 4.51 -24.72
C GLY C 162 -11.55 3.40 -24.64
N SER C 163 -11.23 2.34 -23.90
CA SER C 163 -12.10 1.18 -23.78
C SER C 163 -13.35 1.47 -22.95
N GLY C 164 -13.40 2.62 -22.28
CA GLY C 164 -14.61 3.07 -21.62
C GLY C 164 -14.70 2.93 -20.11
N LYS C 165 -13.56 2.67 -19.47
CA LYS C 165 -13.55 2.39 -18.04
C LYS C 165 -14.06 3.52 -17.15
N SER C 166 -13.60 4.73 -17.44
CA SER C 166 -13.90 5.84 -16.55
C SER C 166 -15.37 6.17 -16.62
N VAL C 167 -15.92 6.07 -17.82
CA VAL C 167 -17.31 6.34 -18.06
C VAL C 167 -18.20 5.37 -17.27
N ILE C 168 -17.82 4.09 -17.31
CA ILE C 168 -18.46 3.05 -16.53
C ILE C 168 -18.38 3.32 -15.02
N ALA C 169 -17.28 3.92 -14.60
CA ALA C 169 -17.11 4.27 -13.19
C ALA C 169 -17.99 5.46 -12.83
N SER C 170 -18.18 6.34 -13.82
CA SER C 170 -19.03 7.51 -13.72
C SER C 170 -20.46 7.07 -13.50
N GLN C 171 -20.82 5.97 -14.15
CA GLN C 171 -22.19 5.50 -14.18
C GLN C 171 -22.48 4.65 -12.93
N ALA C 172 -21.49 3.88 -12.51
CA ALA C 172 -21.66 3.03 -11.33
C ALA C 172 -21.83 3.84 -10.04
N LEU C 173 -21.28 5.05 -10.00
CA LEU C 173 -21.50 5.94 -8.86
C LEU C 173 -22.60 6.98 -9.08
N SER C 174 -23.37 6.82 -10.15
CA SER C 174 -24.39 7.83 -10.47
C SER C 174 -25.75 7.20 -10.68
N LYS C 175 -25.75 5.89 -10.94
CA LYS C 175 -26.98 5.12 -11.04
C LYS C 175 -27.66 4.89 -9.69
N SER C 176 -27.16 3.91 -8.94
CA SER C 176 -27.68 3.58 -7.61
C SER C 176 -27.84 4.76 -6.65
N ASP C 177 -28.48 4.50 -5.51
CA ASP C 177 -28.49 5.46 -4.42
C ASP C 177 -27.75 4.89 -3.22
N GLN C 178 -27.24 3.67 -3.37
CA GLN C 178 -26.63 2.96 -2.24
C GLN C 178 -25.17 3.35 -2.00
N LEU C 179 -24.36 3.27 -3.05
CA LEU C 179 -22.92 3.52 -2.96
C LEU C 179 -22.62 4.84 -2.26
N ILE C 180 -23.37 5.88 -2.60
CA ILE C 180 -23.21 7.16 -1.92
C ILE C 180 -24.39 7.42 -0.99
N GLY C 181 -24.15 7.32 0.31
CA GLY C 181 -25.20 7.50 1.30
C GLY C 181 -25.45 6.29 2.19
N ILE C 182 -25.62 5.13 1.55
CA ILE C 182 -25.87 3.87 2.25
C ILE C 182 -24.57 3.12 2.58
N ASN C 183 -23.77 2.88 1.55
CA ASN C 183 -22.51 2.13 1.66
C ASN C 183 -21.28 2.99 1.97
N TYR C 184 -21.25 4.19 1.40
CA TYR C 184 -20.14 5.09 1.68
C TYR C 184 -20.69 6.48 1.94
N ASP C 185 -20.07 7.19 2.87
CA ASP C 185 -20.51 8.52 3.26
C ASP C 185 -20.20 9.58 2.21
N SER C 186 -18.96 9.58 1.73
CA SER C 186 -18.54 10.56 0.73
C SER C 186 -17.83 9.92 -0.46
N ILE C 187 -17.68 10.71 -1.51
CA ILE C 187 -16.97 10.30 -2.70
C ILE C 187 -15.86 11.31 -3.00
N VAL C 188 -14.69 10.80 -3.33
CA VAL C 188 -13.59 11.61 -3.82
C VAL C 188 -13.10 11.01 -5.13
N TRP C 189 -13.33 11.73 -6.23
CA TRP C 189 -12.93 11.24 -7.53
C TRP C 189 -11.86 12.16 -8.12
N LEU C 190 -10.66 11.62 -8.27
CA LEU C 190 -9.49 12.40 -8.68
C LEU C 190 -8.79 11.78 -9.89
N LYS C 191 -8.48 12.60 -10.88
CA LYS C 191 -7.70 12.12 -12.01
C LYS C 191 -6.21 12.22 -11.72
N ASP C 192 -5.51 11.12 -11.96
CA ASP C 192 -4.08 11.02 -11.70
C ASP C 192 -3.36 11.51 -12.96
N SER C 193 -3.02 10.55 -13.83
CA SER C 193 -2.34 10.81 -15.09
C SER C 193 -0.90 11.24 -14.89
N GLY C 194 -0.34 10.83 -13.75
CA GLY C 194 1.00 11.24 -13.36
C GLY C 194 2.08 10.41 -14.02
N THR C 195 3.11 11.09 -14.54
CA THR C 195 4.17 10.41 -15.28
C THR C 195 5.49 10.77 -14.61
N ALA C 196 5.63 12.03 -14.25
CA ALA C 196 6.79 12.48 -13.50
C ALA C 196 6.77 11.80 -12.13
N PRO C 197 7.88 11.88 -11.39
CA PRO C 197 7.93 11.32 -10.03
C PRO C 197 7.37 12.26 -8.96
N LYS C 198 7.27 13.55 -9.30
CA LYS C 198 6.65 14.52 -8.39
C LYS C 198 5.13 14.53 -8.43
N SER C 199 4.56 13.83 -9.41
CA SER C 199 3.11 13.82 -9.62
C SER C 199 2.34 13.04 -8.54
N THR C 200 2.95 11.96 -8.08
CA THR C 200 2.37 11.05 -7.10
C THR C 200 2.25 11.65 -5.70
N PHE C 201 2.99 12.72 -5.43
CA PHE C 201 2.86 13.40 -4.15
C PHE C 201 1.81 14.52 -4.28
N ASP C 202 1.86 15.20 -5.42
CA ASP C 202 0.94 16.29 -5.73
C ASP C 202 -0.51 15.79 -5.74
N LEU C 203 -0.68 14.54 -6.19
CA LEU C 203 -1.99 13.95 -6.26
C LEU C 203 -2.58 13.97 -4.86
N PHE C 204 -1.90 13.30 -3.94
CA PHE C 204 -2.39 13.19 -2.57
C PHE C 204 -2.39 14.55 -1.86
N THR C 205 -1.76 15.54 -2.48
CA THR C 205 -1.89 16.92 -2.01
C THR C 205 -3.29 17.40 -2.35
N ASP C 206 -3.80 16.95 -3.49
CA ASP C 206 -5.09 17.47 -3.92
C ASP C 206 -6.18 16.57 -3.36
N ILE C 207 -5.79 15.39 -2.90
CA ILE C 207 -6.67 14.60 -2.05
C ILE C 207 -6.85 15.38 -0.76
N LEU C 208 -5.79 15.44 0.05
CA LEU C 208 -5.73 16.30 1.25
C LEU C 208 -6.57 17.57 1.13
N LEU C 209 -6.59 18.20 -0.04
CA LEU C 209 -7.42 19.39 -0.23
C LEU C 209 -8.89 19.13 -0.63
N MET C 210 -9.12 18.01 -1.31
CA MET C 210 -10.47 17.51 -1.56
C MET C 210 -11.21 17.20 -0.27
N LEU C 211 -10.41 16.90 0.74
CA LEU C 211 -10.89 16.58 2.08
C LEU C 211 -11.20 17.84 2.86
N LYS C 212 -10.28 18.80 2.86
CA LYS C 212 -10.38 19.97 3.71
C LYS C 212 -11.71 20.72 3.56
N SER C 213 -12.22 21.20 4.69
CA SER C 213 -13.49 21.92 4.82
C SER C 213 -13.55 23.15 3.93
N GLU C 214 -14.75 23.63 3.62
CA GLU C 214 -14.89 24.86 2.83
C GLU C 214 -14.17 25.99 3.58
N ASP C 215 -14.29 25.98 4.91
CA ASP C 215 -13.42 26.83 5.71
C ASP C 215 -11.99 26.30 5.54
N ASP C 216 -11.03 27.21 5.59
CA ASP C 216 -9.61 26.89 5.41
C ASP C 216 -9.33 26.22 4.06
N LEU C 217 -9.84 26.81 2.98
CA LEU C 217 -9.24 26.67 1.66
C LEU C 217 -8.55 27.99 1.34
N LEU C 218 -9.01 29.01 2.06
CA LEU C 218 -8.42 30.34 2.11
C LEU C 218 -7.06 30.26 2.79
N ASN C 219 -7.06 29.58 3.93
CA ASN C 219 -5.87 29.36 4.74
C ASN C 219 -4.83 28.43 4.14
N PHE C 220 -5.16 27.78 3.01
CA PHE C 220 -4.20 26.93 2.29
C PHE C 220 -2.80 27.55 2.31
N PRO C 221 -1.85 26.84 2.95
CA PRO C 221 -0.44 27.24 3.00
C PRO C 221 0.39 26.90 1.78
N SER C 222 1.65 27.32 1.80
CA SER C 222 2.66 26.90 0.83
C SER C 222 3.00 25.44 1.12
N VAL C 223 1.98 24.58 1.13
CA VAL C 223 2.10 23.14 1.40
C VAL C 223 2.97 22.33 0.44
N GLU C 224 3.22 22.87 -0.76
CA GLU C 224 4.14 22.29 -1.74
C GLU C 224 5.44 21.75 -1.12
N HIS C 225 5.93 22.40 -0.05
CA HIS C 225 7.13 21.93 0.63
C HIS C 225 6.95 21.50 2.08
N VAL C 226 6.82 20.18 2.22
CA VAL C 226 6.56 19.49 3.47
C VAL C 226 6.72 18.02 3.10
N THR C 227 7.36 17.24 3.98
CA THR C 227 7.71 15.86 3.65
C THR C 227 6.52 14.99 3.27
N SER C 228 6.82 13.84 2.66
CA SER C 228 5.80 12.88 2.30
C SER C 228 5.14 12.23 3.52
N VAL C 229 5.96 11.94 4.53
CA VAL C 229 5.47 11.32 5.75
C VAL C 229 4.47 12.25 6.44
N VAL C 230 4.62 13.54 6.16
CA VAL C 230 3.79 14.56 6.78
C VAL C 230 2.53 14.76 5.95
N LEU C 231 2.64 14.87 4.63
CA LEU C 231 1.43 14.91 3.79
C LEU C 231 0.53 13.69 4.06
N LYS C 232 1.17 12.53 4.24
CA LYS C 232 0.49 11.26 4.52
C LYS C 232 -0.20 11.35 5.86
N ARG C 233 0.55 11.88 6.84
CA ARG C 233 -0.01 12.05 8.18
C ARG C 233 -1.13 13.11 8.19
N MET C 234 -0.99 14.22 7.48
CA MET C 234 -2.04 15.25 7.41
C MET C 234 -3.30 14.68 6.79
N ILE C 235 -3.14 13.75 5.87
CA ILE C 235 -4.31 13.13 5.25
C ILE C 235 -4.96 12.20 6.26
N CYS C 236 -4.23 11.23 6.79
CA CYS C 236 -4.87 10.28 7.71
C CYS C 236 -5.38 11.02 8.96
N ASN C 237 -4.87 12.23 9.16
CA ASN C 237 -5.41 13.18 10.12
C ASN C 237 -6.79 13.64 9.69
N ALA C 238 -6.82 14.53 8.69
CA ALA C 238 -8.06 15.06 8.14
C ALA C 238 -9.03 13.96 7.69
N LEU C 239 -8.61 12.70 7.83
CA LEU C 239 -9.42 11.58 7.40
C LEU C 239 -10.25 11.08 8.58
N ILE C 240 -10.05 11.67 9.75
CA ILE C 240 -10.90 11.32 10.89
C ILE C 240 -12.31 11.83 10.56
N ASP C 241 -12.44 13.09 10.17
CA ASP C 241 -13.74 13.65 9.80
C ASP C 241 -14.43 12.93 8.64
N ARG C 242 -13.82 11.87 8.13
CA ARG C 242 -14.37 11.20 6.96
C ARG C 242 -14.55 9.70 7.20
N PRO C 243 -15.68 9.32 7.82
CA PRO C 243 -16.15 7.94 7.95
C PRO C 243 -16.49 7.35 6.58
N ASN C 244 -16.33 6.04 6.41
CA ASN C 244 -16.56 5.32 5.14
C ASN C 244 -16.59 6.22 3.90
N THR C 245 -15.40 6.49 3.38
CA THR C 245 -15.20 7.30 2.19
C THR C 245 -14.67 6.54 0.98
N LEU C 246 -15.32 6.70 -0.16
CA LEU C 246 -14.86 6.00 -1.37
C LEU C 246 -13.92 6.89 -2.19
N PHE C 247 -12.90 6.25 -2.76
CA PHE C 247 -11.91 6.93 -3.59
C PHE C 247 -11.89 6.37 -5.01
N VAL C 248 -12.26 7.21 -5.98
CA VAL C 248 -11.98 6.89 -7.37
C VAL C 248 -10.68 7.55 -7.82
N PHE C 249 -9.78 6.74 -8.35
CA PHE C 249 -8.50 7.22 -8.86
C PHE C 249 -8.49 7.06 -10.37
N ASP C 250 -9.13 7.99 -11.05
CA ASP C 250 -9.27 7.95 -12.50
C ASP C 250 -7.95 8.14 -13.23
N ASP C 251 -7.58 7.12 -14.01
CA ASP C 251 -6.42 7.14 -14.91
C ASP C 251 -5.09 7.03 -14.15
N VAL C 252 -4.85 5.89 -13.50
CA VAL C 252 -3.58 5.65 -12.84
C VAL C 252 -2.54 5.07 -13.81
N VAL C 253 -1.34 5.64 -13.84
CA VAL C 253 -0.23 5.02 -14.57
C VAL C 253 0.90 4.47 -13.69
N GLN C 254 1.24 5.20 -12.63
CA GLN C 254 2.31 4.80 -11.70
C GLN C 254 1.86 4.02 -10.49
N GLU C 255 2.50 2.87 -10.26
CA GLU C 255 2.25 2.04 -9.08
C GLU C 255 2.61 2.70 -7.76
N GLU C 256 3.12 3.93 -7.82
CA GLU C 256 3.45 4.68 -6.61
C GLU C 256 2.18 5.25 -6.00
N THR C 257 1.31 5.75 -6.87
CA THR C 257 -0.06 6.04 -6.50
C THR C 257 -0.57 4.88 -5.62
N ILE C 258 -0.83 3.72 -6.24
CA ILE C 258 -1.26 2.51 -5.53
C ILE C 258 -0.51 2.20 -4.22
N ARG C 259 0.80 2.46 -4.17
CA ARG C 259 1.51 2.28 -2.91
C ARG C 259 1.10 3.27 -1.83
N TRP C 260 0.92 4.53 -2.20
CA TRP C 260 0.47 5.53 -1.23
C TRP C 260 -0.93 5.15 -0.77
N ALA C 261 -1.79 4.85 -1.75
CA ALA C 261 -3.14 4.36 -1.50
C ALA C 261 -3.16 3.20 -0.52
N GLN C 262 -2.11 2.38 -0.54
CA GLN C 262 -2.08 1.20 0.32
C GLN C 262 -1.42 1.48 1.67
N GLU C 263 -0.66 2.56 1.76
CA GLU C 263 -0.10 3.01 3.04
C GLU C 263 -1.14 3.82 3.81
N LEU C 264 -2.00 4.49 3.06
CA LEU C 264 -3.01 5.37 3.63
C LEU C 264 -4.31 4.64 3.90
N ARG C 265 -4.26 3.31 3.78
CA ARG C 265 -5.39 2.44 4.07
C ARG C 265 -6.72 2.97 3.51
N LEU C 266 -6.68 3.34 2.23
CA LEU C 266 -7.82 3.93 1.53
C LEU C 266 -8.70 2.87 0.87
N ARG C 267 -9.95 3.27 0.60
CA ARG C 267 -10.89 2.45 -0.14
C ARG C 267 -10.93 2.97 -1.58
N CYS C 268 -10.42 2.18 -2.52
CA CYS C 268 -10.22 2.70 -3.87
C CYS C 268 -10.87 1.98 -5.05
N LEU C 269 -11.64 2.72 -5.83
CA LEU C 269 -11.96 2.33 -7.20
C LEU C 269 -10.85 2.90 -8.07
N VAL C 270 -10.44 2.15 -9.09
CA VAL C 270 -9.34 2.57 -9.96
C VAL C 270 -9.60 2.30 -11.43
N THR C 271 -9.71 3.36 -12.24
CA THR C 271 -9.62 3.14 -13.68
C THR C 271 -8.16 3.30 -14.10
N THR C 272 -7.69 2.34 -14.88
CA THR C 272 -6.31 2.31 -15.35
C THR C 272 -6.20 1.49 -16.64
N ARG C 273 -5.08 1.58 -17.32
CA ARG C 273 -4.85 0.77 -18.52
C ARG C 273 -3.89 -0.39 -18.25
N ASP C 274 -2.85 -0.12 -17.48
CA ASP C 274 -1.86 -1.13 -17.11
C ASP C 274 -2.33 -1.87 -15.86
N VAL C 275 -2.48 -3.19 -15.98
CA VAL C 275 -3.06 -4.01 -14.91
C VAL C 275 -2.05 -4.41 -13.83
N GLU C 276 -0.77 -4.49 -14.18
CA GLU C 276 0.24 -5.00 -13.25
C GLU C 276 0.54 -4.11 -12.05
N ILE C 277 0.02 -2.88 -12.05
CA ILE C 277 0.23 -1.98 -10.91
C ILE C 277 -0.33 -2.57 -9.62
N SER C 278 -1.12 -3.62 -9.76
CA SER C 278 -1.76 -4.22 -8.60
C SER C 278 -0.76 -5.08 -7.84
N ASN C 279 0.31 -5.47 -8.52
CA ASN C 279 1.34 -6.20 -7.82
C ASN C 279 1.99 -5.30 -6.77
N ALA C 280 1.80 -3.98 -6.92
CA ALA C 280 2.28 -3.05 -5.91
C ALA C 280 1.53 -3.23 -4.60
N ALA C 281 0.27 -3.64 -4.72
CA ALA C 281 -0.60 -3.87 -3.56
C ALA C 281 -0.59 -5.33 -3.10
N SER C 282 -0.25 -5.55 -1.83
CA SER C 282 -0.43 -6.85 -1.19
C SER C 282 -1.76 -6.97 -0.43
N GLN C 283 -2.84 -7.35 -1.11
CA GLN C 283 -4.15 -7.17 -0.51
C GLN C 283 -5.31 -7.78 -1.28
N THR C 284 -6.49 -7.65 -0.67
CA THR C 284 -7.76 -7.94 -1.32
C THR C 284 -7.72 -7.07 -2.56
N CYS C 285 -7.33 -7.68 -3.67
CA CYS C 285 -7.38 -7.01 -4.94
C CYS C 285 -8.37 -7.73 -5.83
N GLU C 286 -9.28 -6.92 -6.38
CA GLU C 286 -10.36 -7.47 -7.20
C GLU C 286 -10.28 -6.70 -8.49
N PHE C 287 -10.68 -7.37 -9.56
CA PHE C 287 -10.39 -6.84 -10.87
C PHE C 287 -11.66 -6.90 -11.70
N ILE C 288 -11.81 -5.92 -12.58
CA ILE C 288 -12.89 -5.93 -13.54
C ILE C 288 -12.33 -5.46 -14.86
N GLU C 289 -12.32 -6.35 -15.83
CA GLU C 289 -11.70 -6.06 -17.10
C GLU C 289 -12.77 -5.52 -18.05
N VAL C 290 -12.49 -4.36 -18.61
CA VAL C 290 -13.40 -3.75 -19.57
C VAL C 290 -13.07 -4.31 -20.94
N THR C 291 -13.78 -5.34 -21.35
CA THR C 291 -13.50 -5.97 -22.63
C THR C 291 -13.92 -5.05 -23.77
N SER C 292 -13.57 -5.44 -24.99
CA SER C 292 -13.98 -4.66 -26.15
C SER C 292 -15.48 -4.78 -26.37
N LEU C 293 -16.12 -3.67 -26.74
CA LEU C 293 -17.54 -3.70 -27.05
C LEU C 293 -17.91 -4.76 -28.10
N GLU C 294 -18.63 -5.79 -27.65
CA GLU C 294 -19.10 -6.85 -28.55
C GLU C 294 -19.82 -6.23 -29.76
N ILE C 295 -19.96 -6.98 -30.84
CA ILE C 295 -20.51 -6.44 -32.08
C ILE C 295 -21.95 -5.95 -31.84
N ASP C 296 -22.65 -6.65 -30.96
CA ASP C 296 -24.04 -6.30 -30.65
C ASP C 296 -24.13 -5.07 -29.76
N GLU C 297 -23.24 -4.97 -28.78
CA GLU C 297 -23.21 -3.79 -27.94
C GLU C 297 -22.87 -2.59 -28.83
N CYS C 298 -22.10 -2.85 -29.89
CA CYS C 298 -21.73 -1.78 -30.82
C CYS C 298 -22.99 -1.34 -31.53
N TYR C 299 -23.82 -2.30 -31.95
CA TYR C 299 -25.12 -1.95 -32.53
C TYR C 299 -25.91 -1.08 -31.58
N ASP C 300 -26.09 -1.55 -30.35
CA ASP C 300 -26.85 -0.83 -29.33
C ASP C 300 -26.34 0.61 -29.22
N PHE C 301 -25.01 0.73 -29.19
CA PHE C 301 -24.30 2.00 -29.08
C PHE C 301 -24.59 2.92 -30.28
N LEU C 302 -24.79 2.30 -31.45
CA LEU C 302 -25.05 3.03 -32.69
C LEU C 302 -26.47 3.56 -32.75
N GLU C 303 -27.41 2.65 -32.54
CA GLU C 303 -28.83 2.93 -32.41
C GLU C 303 -29.09 4.02 -31.39
N ALA C 304 -28.38 3.92 -30.27
CA ALA C 304 -28.49 4.83 -29.12
C ALA C 304 -28.32 6.31 -29.48
N TYR C 305 -27.43 6.63 -30.40
CA TYR C 305 -27.28 8.03 -30.79
C TYR C 305 -27.91 8.37 -32.15
N GLY C 306 -28.85 7.53 -32.57
CA GLY C 306 -29.63 7.75 -33.77
C GLY C 306 -29.13 7.27 -35.12
N MET C 307 -28.27 6.26 -35.12
CA MET C 307 -27.68 5.74 -36.35
C MET C 307 -28.48 4.61 -36.98
N PRO C 308 -28.84 4.76 -38.28
CA PRO C 308 -29.69 3.85 -39.06
C PRO C 308 -29.04 2.47 -39.23
N MET C 309 -29.81 1.43 -38.93
CA MET C 309 -29.34 0.04 -38.99
C MET C 309 -29.55 -0.56 -40.39
N PRO C 310 -28.62 -1.44 -40.82
CA PRO C 310 -28.46 -1.94 -42.18
C PRO C 310 -29.67 -2.67 -42.73
N VAL C 311 -29.60 -2.94 -44.03
CA VAL C 311 -30.62 -3.70 -44.75
C VAL C 311 -29.91 -4.56 -45.79
N GLY C 312 -29.46 -3.95 -46.89
CA GLY C 312 -28.68 -4.71 -47.86
C GLY C 312 -27.54 -5.42 -47.13
N GLU C 313 -26.99 -6.46 -47.74
CA GLU C 313 -25.97 -7.26 -47.08
C GLU C 313 -24.63 -6.55 -47.04
N LYS C 314 -24.24 -5.93 -48.15
CA LYS C 314 -23.05 -5.10 -48.12
C LYS C 314 -23.37 -3.71 -47.58
N GLU C 315 -23.88 -3.70 -46.36
CA GLU C 315 -24.06 -2.50 -45.56
C GLU C 315 -23.92 -2.95 -44.12
N GLU C 316 -24.55 -4.08 -43.80
CA GLU C 316 -24.26 -4.74 -42.55
C GLU C 316 -22.82 -5.21 -42.58
N ASP C 317 -22.33 -5.52 -43.78
CA ASP C 317 -20.93 -5.89 -43.92
C ASP C 317 -20.05 -4.66 -43.76
N VAL C 318 -20.49 -3.53 -44.29
CA VAL C 318 -19.79 -2.25 -44.12
C VAL C 318 -19.63 -1.85 -42.67
N LEU C 319 -20.66 -2.17 -41.88
CA LEU C 319 -20.65 -1.76 -40.48
C LEU C 319 -19.88 -2.79 -39.66
N ASN C 320 -19.88 -4.04 -40.10
CA ASN C 320 -18.98 -5.03 -39.48
C ASN C 320 -17.54 -4.71 -39.85
N LYS C 321 -17.35 -4.05 -40.99
CA LYS C 321 -16.05 -3.52 -41.35
C LYS C 321 -15.62 -2.47 -40.34
N THR C 322 -16.52 -1.53 -40.04
CA THR C 322 -16.21 -0.52 -39.03
C THR C 322 -15.95 -1.12 -37.63
N ILE C 323 -16.80 -2.03 -37.20
CA ILE C 323 -16.67 -2.68 -35.90
C ILE C 323 -15.43 -3.57 -35.77
N GLU C 324 -15.03 -4.18 -36.88
CA GLU C 324 -13.81 -4.98 -36.96
C GLU C 324 -12.58 -4.10 -36.91
N LEU C 325 -12.59 -3.03 -37.70
CA LEU C 325 -11.47 -2.10 -37.75
C LEU C 325 -11.22 -1.54 -36.35
N SER C 326 -12.20 -0.82 -35.81
CA SER C 326 -12.09 -0.28 -34.46
C SER C 326 -12.29 -1.36 -33.38
N SER C 327 -11.60 -2.50 -33.55
CA SER C 327 -11.76 -3.72 -32.74
C SER C 327 -12.48 -3.54 -31.40
N GLY C 328 -13.78 -3.28 -31.46
CA GLY C 328 -14.58 -2.95 -30.29
C GLY C 328 -13.96 -1.90 -29.39
N ASN C 329 -14.14 -0.64 -29.75
CA ASN C 329 -13.58 0.44 -28.98
C ASN C 329 -14.45 1.69 -28.95
N PRO C 330 -15.12 1.91 -27.80
CA PRO C 330 -16.02 3.01 -27.44
C PRO C 330 -15.63 4.36 -28.06
N ALA C 331 -14.46 4.85 -27.66
CA ALA C 331 -13.92 6.15 -28.07
C ALA C 331 -13.78 6.39 -29.57
N THR C 332 -13.13 5.48 -30.28
CA THR C 332 -12.95 5.65 -31.72
C THR C 332 -14.23 5.41 -32.45
N LEU C 333 -15.12 4.63 -31.84
CA LEU C 333 -16.46 4.45 -32.36
C LEU C 333 -17.19 5.78 -32.28
N MET C 334 -17.08 6.45 -31.14
CA MET C 334 -17.71 7.73 -30.93
C MET C 334 -17.18 8.79 -31.90
N MET C 335 -15.86 8.83 -32.09
CA MET C 335 -15.24 9.78 -33.01
C MET C 335 -15.76 9.55 -34.44
N PHE C 336 -15.95 8.25 -34.69
CA PHE C 336 -16.46 7.75 -35.94
C PHE C 336 -17.85 8.37 -36.12
N PHE C 337 -18.72 8.22 -35.12
CA PHE C 337 -20.07 8.77 -35.19
C PHE C 337 -20.02 10.27 -35.45
N LYS C 338 -19.33 11.00 -34.57
CA LYS C 338 -19.20 12.47 -34.67
C LYS C 338 -18.72 12.92 -36.05
N SER C 339 -18.16 12.00 -36.82
CA SER C 339 -17.53 12.37 -38.08
C SER C 339 -18.31 11.75 -39.24
N CYS C 340 -19.40 11.07 -38.92
CA CYS C 340 -20.21 10.46 -39.97
C CYS C 340 -21.19 11.44 -40.62
N GLU C 341 -21.05 12.73 -40.30
CA GLU C 341 -21.81 13.86 -40.90
C GLU C 341 -23.21 13.52 -41.49
N PRO C 342 -23.34 13.14 -42.79
CA PRO C 342 -24.72 13.05 -43.31
C PRO C 342 -25.53 11.92 -42.66
N LYS C 343 -24.83 10.96 -42.05
CA LYS C 343 -25.39 9.80 -41.35
C LYS C 343 -25.52 8.56 -42.26
N THR C 344 -25.38 8.77 -43.56
CA THR C 344 -25.52 7.70 -44.55
C THR C 344 -24.50 6.58 -44.31
N PHE C 345 -24.89 5.34 -44.60
CA PHE C 345 -23.96 4.21 -44.73
C PHE C 345 -22.84 4.49 -45.73
N GLU C 346 -23.18 5.31 -46.72
CA GLU C 346 -22.27 5.73 -47.76
C GLU C 346 -21.06 6.45 -47.11
N LYS C 347 -21.29 7.58 -46.46
CA LYS C 347 -20.20 8.30 -45.80
C LYS C 347 -19.50 7.49 -44.69
N MET C 348 -20.19 6.45 -44.24
CA MET C 348 -19.61 5.54 -43.25
C MET C 348 -18.56 4.66 -43.90
N ALA C 349 -18.83 4.24 -45.12
CA ALA C 349 -17.89 3.42 -45.85
C ALA C 349 -16.77 4.32 -46.33
N GLN C 350 -17.10 5.59 -46.57
CA GLN C 350 -16.06 6.57 -46.90
C GLN C 350 -15.03 6.50 -45.79
N LEU C 351 -15.54 6.52 -44.55
CA LEU C 351 -14.65 6.47 -43.41
C LEU C 351 -13.93 5.12 -43.33
N ASN C 352 -14.66 4.03 -43.58
CA ASN C 352 -14.04 2.69 -43.60
C ASN C 352 -12.82 2.63 -44.51
N ASN C 353 -12.85 3.40 -45.59
CA ASN C 353 -11.69 3.50 -46.48
C ASN C 353 -10.63 4.37 -45.82
N LYS C 354 -10.99 5.62 -45.57
CA LYS C 354 -10.13 6.60 -44.89
C LYS C 354 -9.30 6.03 -43.74
N LEU C 355 -9.80 4.99 -43.09
CA LEU C 355 -9.13 4.39 -41.93
C LEU C 355 -7.94 3.52 -42.30
N GLU C 356 -8.04 2.85 -43.44
CA GLU C 356 -6.97 1.99 -43.92
C GLU C 356 -5.83 2.75 -44.60
N SER C 357 -6.18 3.83 -45.31
CA SER C 357 -5.18 4.64 -46.00
C SER C 357 -4.81 5.96 -45.31
N ARG C 358 -5.05 6.06 -44.00
CA ARG C 358 -4.65 7.25 -43.24
C ARG C 358 -4.58 6.96 -41.74
N GLY C 359 -4.80 5.69 -41.38
CA GLY C 359 -4.80 5.21 -40.00
C GLY C 359 -5.82 5.91 -39.13
N LEU C 360 -5.62 5.90 -37.81
CA LEU C 360 -6.62 6.46 -36.90
C LEU C 360 -6.81 7.96 -37.10
N VAL C 361 -5.87 8.58 -37.81
CA VAL C 361 -5.86 10.03 -37.97
C VAL C 361 -6.93 10.45 -38.96
N GLY C 362 -7.60 9.45 -39.55
CA GLY C 362 -8.54 9.69 -40.62
C GLY C 362 -9.92 9.97 -40.08
N VAL C 363 -10.12 9.60 -38.81
CA VAL C 363 -11.42 9.73 -38.17
C VAL C 363 -11.33 10.49 -36.84
N GLU C 364 -10.13 10.97 -36.52
CA GLU C 364 -9.90 11.83 -35.36
C GLU C 364 -10.84 13.05 -35.36
N CYS C 365 -11.50 13.26 -34.23
CA CYS C 365 -12.57 14.24 -34.14
C CYS C 365 -12.68 14.78 -32.71
N ILE C 366 -13.40 15.88 -32.55
CA ILE C 366 -13.74 16.37 -31.22
C ILE C 366 -14.72 15.41 -30.57
N THR C 367 -14.29 14.84 -29.45
CA THR C 367 -15.07 13.84 -28.74
C THR C 367 -14.97 14.06 -27.23
N PRO C 368 -15.98 13.63 -26.45
CA PRO C 368 -15.91 13.58 -24.99
C PRO C 368 -14.59 13.04 -24.41
N TYR C 369 -13.85 12.29 -25.22
CA TYR C 369 -12.49 11.84 -24.88
C TYR C 369 -11.51 13.01 -24.82
N SER C 370 -10.62 12.97 -23.84
CA SER C 370 -9.60 14.02 -23.69
C SER C 370 -8.66 14.07 -24.89
N TYR C 371 -8.78 13.07 -25.77
CA TYR C 371 -7.83 12.81 -26.86
C TYR C 371 -8.46 13.04 -28.24
N LYS C 372 -7.72 13.71 -29.11
CA LYS C 372 -8.16 13.92 -30.49
C LYS C 372 -8.35 12.59 -31.21
N SER C 373 -7.46 11.64 -30.94
CA SER C 373 -7.53 10.33 -31.58
C SER C 373 -6.91 9.29 -30.67
N LEU C 374 -7.33 8.04 -30.82
CA LEU C 374 -6.91 6.98 -29.93
C LEU C 374 -5.40 6.80 -29.97
N ALA C 375 -4.76 7.35 -31.00
CA ALA C 375 -3.31 7.23 -31.16
C ALA C 375 -2.56 8.12 -30.16
N MET C 376 -3.21 9.20 -29.79
CA MET C 376 -2.70 10.13 -28.80
C MET C 376 -2.72 9.47 -27.44
N ALA C 377 -3.65 8.54 -27.30
CA ALA C 377 -3.84 7.84 -26.04
C ALA C 377 -2.79 6.77 -25.97
N LEU C 378 -2.74 5.95 -27.02
CA LEU C 378 -1.89 4.78 -27.04
C LEU C 378 -0.45 5.23 -26.96
N GLN C 379 -0.21 6.44 -27.47
CA GLN C 379 1.08 7.12 -27.34
C GLN C 379 1.72 6.81 -26.00
N ARG C 380 1.05 7.25 -24.94
CA ARG C 380 1.56 7.12 -23.58
C ARG C 380 1.78 5.65 -23.28
N CYS C 381 0.78 4.83 -23.61
CA CYS C 381 0.81 3.40 -23.33
C CYS C 381 2.04 2.74 -23.94
N VAL C 382 2.62 3.43 -24.91
CA VAL C 382 3.73 2.90 -25.67
C VAL C 382 5.01 3.47 -25.10
N GLU C 383 4.93 4.69 -24.56
CA GLU C 383 6.10 5.34 -23.96
C GLU C 383 6.53 4.66 -22.68
N VAL C 384 5.56 4.32 -21.83
CA VAL C 384 5.82 3.68 -20.54
C VAL C 384 6.50 2.33 -20.67
N LEU C 385 6.40 1.74 -21.85
CA LEU C 385 6.81 0.35 -22.05
C LEU C 385 8.30 0.10 -21.88
N SER C 386 8.64 -1.00 -21.20
CA SER C 386 10.01 -1.49 -21.14
C SER C 386 10.63 -1.39 -22.54
N ASP C 387 11.86 -0.88 -22.65
CA ASP C 387 12.51 -0.70 -23.96
C ASP C 387 12.45 -1.93 -24.88
N GLU C 388 12.58 -3.11 -24.28
CA GLU C 388 12.55 -4.36 -25.02
C GLU C 388 11.12 -4.66 -25.44
N ASP C 389 10.18 -4.35 -24.56
CA ASP C 389 8.79 -4.56 -24.89
C ASP C 389 8.38 -3.52 -25.91
N ARG C 390 9.01 -2.35 -25.86
CA ARG C 390 8.75 -1.30 -26.84
C ARG C 390 9.18 -1.82 -28.19
N SER C 391 10.19 -2.68 -28.17
CA SER C 391 10.72 -3.27 -29.40
C SER C 391 9.78 -4.33 -29.95
N ALA C 392 9.51 -5.34 -29.12
CA ALA C 392 8.57 -6.40 -29.48
C ALA C 392 7.27 -5.84 -30.04
N LEU C 393 6.72 -4.83 -29.37
CA LEU C 393 5.48 -4.25 -29.81
C LEU C 393 5.78 -3.61 -31.16
N ALA C 394 6.91 -2.91 -31.26
CA ALA C 394 7.20 -2.11 -32.45
C ALA C 394 7.28 -3.00 -33.69
N PHE C 395 7.64 -4.26 -33.47
CA PHE C 395 7.78 -5.24 -34.54
C PHE C 395 6.49 -6.00 -34.83
N ALA C 396 5.69 -6.23 -33.81
CA ALA C 396 4.40 -6.92 -33.98
C ALA C 396 3.44 -6.32 -35.02
N VAL C 397 3.87 -5.27 -35.72
CA VAL C 397 3.11 -4.74 -36.84
C VAL C 397 2.90 -5.82 -37.89
N VAL C 398 4.03 -6.35 -38.37
CA VAL C 398 4.06 -7.32 -39.46
C VAL C 398 3.35 -8.65 -39.20
N MET C 399 2.33 -8.65 -38.35
CA MET C 399 1.54 -9.85 -38.15
C MET C 399 0.24 -9.71 -38.92
N PRO C 400 -0.67 -10.69 -38.80
CA PRO C 400 -2.03 -10.49 -39.31
C PRO C 400 -2.97 -10.08 -38.20
N PRO C 401 -3.75 -9.02 -38.42
CA PRO C 401 -4.60 -8.64 -37.30
C PRO C 401 -5.86 -9.49 -37.32
N GLY C 402 -6.41 -9.73 -36.14
CA GLY C 402 -7.64 -10.48 -35.99
C GLY C 402 -7.40 -11.89 -36.51
N VAL C 403 -6.26 -12.47 -36.11
CA VAL C 403 -5.90 -13.84 -36.43
C VAL C 403 -5.13 -14.45 -35.26
N ASP C 404 -5.52 -15.65 -34.85
CA ASP C 404 -4.85 -16.35 -33.75
C ASP C 404 -3.62 -17.12 -34.27
N ILE C 405 -2.42 -16.78 -33.77
CA ILE C 405 -1.18 -17.31 -34.35
C ILE C 405 -0.18 -17.72 -33.25
N PRO C 406 0.56 -18.82 -33.47
CA PRO C 406 1.49 -19.49 -32.55
C PRO C 406 2.66 -18.63 -32.05
N VAL C 407 3.29 -19.07 -30.97
CA VAL C 407 4.41 -18.35 -30.36
C VAL C 407 5.62 -18.39 -31.28
N LYS C 408 5.89 -19.57 -31.84
CA LYS C 408 7.01 -19.75 -32.75
C LYS C 408 6.80 -18.87 -33.99
N LEU C 409 5.59 -18.90 -34.53
CA LEU C 409 5.22 -18.02 -35.64
C LEU C 409 5.51 -16.54 -35.31
N TRP C 410 5.74 -16.25 -34.03
CA TRP C 410 6.06 -14.90 -33.54
C TRP C 410 7.55 -14.74 -33.31
N SER C 411 8.19 -15.82 -32.86
CA SER C 411 9.64 -15.84 -32.63
C SER C 411 10.44 -15.33 -33.83
N CYS C 412 9.81 -15.26 -34.99
CA CYS C 412 10.52 -14.85 -36.19
C CYS C 412 10.78 -13.34 -36.23
N VAL C 413 9.77 -12.55 -35.92
CA VAL C 413 9.96 -11.10 -35.94
C VAL C 413 10.38 -10.45 -34.62
N ILE C 414 9.99 -11.05 -33.50
CA ILE C 414 10.24 -10.46 -32.18
C ILE C 414 11.70 -10.69 -31.74
N PRO C 415 12.37 -9.61 -31.30
CA PRO C 415 13.74 -9.52 -30.75
C PRO C 415 14.08 -10.34 -29.50
N VAL C 416 15.37 -10.34 -29.20
CA VAL C 416 16.01 -10.87 -27.98
C VAL C 416 17.52 -10.63 -28.09
N LEU C 426 15.35 -22.26 -25.66
CA LEU C 426 13.90 -22.25 -25.59
C LEU C 426 13.36 -20.84 -25.75
N ASP C 427 12.61 -20.57 -26.82
CA ASP C 427 12.04 -19.24 -26.94
C ASP C 427 10.59 -19.20 -26.44
N ASP C 428 10.47 -19.22 -25.12
CA ASP C 428 9.24 -18.97 -24.39
C ASP C 428 9.24 -17.51 -23.98
N GLU C 429 10.45 -16.97 -23.88
CA GLU C 429 10.71 -15.56 -23.60
C GLU C 429 9.87 -14.62 -24.45
N VAL C 430 9.59 -15.04 -25.67
CA VAL C 430 8.70 -14.33 -26.57
C VAL C 430 7.34 -14.22 -25.90
N ALA C 431 6.82 -15.36 -25.44
CA ALA C 431 5.54 -15.39 -24.76
C ALA C 431 5.56 -14.44 -23.56
N ASP C 432 6.66 -14.41 -22.81
CA ASP C 432 6.73 -13.54 -21.63
C ASP C 432 6.60 -12.06 -22.02
N ARG C 433 7.21 -11.70 -23.16
CA ARG C 433 7.12 -10.32 -23.61
C ARG C 433 5.70 -9.99 -24.07
N LEU C 434 5.12 -10.91 -24.83
CA LEU C 434 3.78 -10.73 -25.36
C LEU C 434 2.72 -10.72 -24.25
N LYS C 435 3.06 -11.39 -23.15
CA LYS C 435 2.25 -11.33 -21.93
C LYS C 435 2.32 -9.97 -21.29
N ARG C 436 3.53 -9.55 -20.88
CA ARG C 436 3.70 -8.18 -20.38
C ARG C 436 2.98 -7.16 -21.24
N LEU C 437 2.96 -7.45 -22.54
CA LEU C 437 2.42 -6.55 -23.55
C LEU C 437 0.91 -6.50 -23.59
N SER C 438 0.24 -7.64 -23.39
CA SER C 438 -1.20 -7.59 -23.25
C SER C 438 -1.68 -7.09 -21.88
N LYS C 439 -1.04 -7.53 -20.81
CA LYS C 439 -1.29 -6.95 -19.47
C LYS C 439 -1.20 -5.40 -19.32
N ARG C 440 -0.38 -4.74 -20.12
CA ARG C 440 0.02 -3.35 -19.86
C ARG C 440 -0.49 -2.37 -20.92
N GLY C 441 -1.82 -2.36 -21.12
CA GLY C 441 -2.40 -1.42 -22.05
C GLY C 441 -3.31 -2.19 -22.97
N ALA C 442 -3.36 -3.50 -22.74
CA ALA C 442 -4.16 -4.44 -23.51
C ALA C 442 -3.84 -4.22 -24.97
N LEU C 443 -2.55 -4.39 -25.28
CA LEU C 443 -2.05 -4.11 -26.62
C LEU C 443 -2.09 -5.39 -27.46
N LEU C 444 -1.88 -6.53 -26.82
CA LEU C 444 -2.00 -7.83 -27.50
C LEU C 444 -3.36 -8.49 -27.24
N SER C 445 -3.33 -9.72 -26.71
CA SER C 445 -4.49 -10.63 -26.67
C SER C 445 -4.08 -12.09 -26.50
N GLY C 446 -4.18 -12.60 -25.28
CA GLY C 446 -3.84 -13.99 -24.99
C GLY C 446 -4.97 -15.00 -25.09
N LYS C 447 -4.63 -16.20 -25.55
CA LYS C 447 -5.59 -17.29 -25.81
C LYS C 447 -4.86 -18.61 -25.60
N ARG C 448 -5.07 -19.19 -24.41
CA ARG C 448 -4.23 -20.27 -23.91
C ARG C 448 -4.16 -21.53 -24.79
N MET C 449 -5.29 -22.21 -24.98
CA MET C 449 -5.35 -23.34 -25.91
C MET C 449 -6.24 -22.97 -27.11
N PRO C 450 -6.19 -23.75 -28.22
CA PRO C 450 -5.55 -25.04 -28.52
C PRO C 450 -4.05 -25.09 -28.33
N VAL C 451 -3.37 -24.03 -28.76
CA VAL C 451 -1.94 -23.92 -28.54
C VAL C 451 -1.65 -22.51 -28.08
N LEU C 452 -0.67 -22.36 -27.17
CA LEU C 452 -0.31 -21.04 -26.65
C LEU C 452 -0.07 -20.12 -27.83
N THR C 453 -1.05 -19.25 -28.05
CA THR C 453 -1.08 -18.32 -29.17
C THR C 453 -1.53 -16.95 -28.68
N PHE C 454 -1.04 -15.91 -29.33
CA PHE C 454 -1.44 -14.55 -29.03
C PHE C 454 -2.14 -14.00 -30.25
N LYS C 455 -2.53 -12.73 -30.21
CA LYS C 455 -3.20 -12.10 -31.33
C LYS C 455 -3.17 -10.59 -31.23
N ILE C 456 -2.99 -9.93 -32.38
CA ILE C 456 -3.03 -8.48 -32.43
C ILE C 456 -4.33 -8.03 -33.09
N ASP C 457 -5.07 -7.16 -32.40
CA ASP C 457 -6.31 -6.60 -32.91
C ASP C 457 -6.06 -5.55 -34.00
N HIS C 458 -7.13 -4.97 -34.54
CA HIS C 458 -6.97 -3.97 -35.60
C HIS C 458 -6.66 -2.52 -35.18
N ILE C 459 -7.26 -2.03 -34.09
CA ILE C 459 -7.02 -0.64 -33.67
C ILE C 459 -5.57 -0.52 -33.24
N ILE C 460 -5.16 -1.57 -32.51
CA ILE C 460 -3.83 -1.71 -31.99
C ILE C 460 -2.84 -1.99 -33.11
N HIS C 461 -3.36 -2.17 -34.33
CA HIS C 461 -2.51 -2.35 -35.48
C HIS C 461 -2.37 -1.02 -36.19
N MET C 462 -3.47 -0.44 -36.68
CA MET C 462 -3.38 0.83 -37.39
C MET C 462 -2.81 1.93 -36.50
N PHE C 463 -2.59 1.63 -35.23
CA PHE C 463 -1.83 2.56 -34.41
C PHE C 463 -0.40 2.47 -34.90
N LEU C 464 0.15 1.26 -34.77
CA LEU C 464 1.51 0.95 -35.20
C LEU C 464 1.88 1.16 -36.66
N LYS C 465 1.00 0.79 -37.59
CA LYS C 465 1.18 1.12 -39.01
C LYS C 465 1.77 2.51 -39.17
N HIS C 466 0.93 3.54 -39.12
CA HIS C 466 1.43 4.89 -39.34
C HIS C 466 2.22 5.45 -38.14
N VAL C 467 2.99 4.60 -37.46
CA VAL C 467 3.68 5.04 -36.26
C VAL C 467 5.10 4.45 -36.15
N VAL C 468 5.27 3.20 -36.54
CA VAL C 468 6.61 2.61 -36.52
C VAL C 468 7.40 3.10 -37.73
N ASP C 469 8.72 3.03 -37.61
CA ASP C 469 9.64 3.46 -38.66
C ASP C 469 9.33 2.78 -39.99
N ALA C 470 9.07 3.59 -41.03
CA ALA C 470 8.72 3.08 -42.36
C ALA C 470 9.64 1.96 -42.86
N GLN C 471 10.91 1.98 -42.43
CA GLN C 471 11.84 0.92 -42.78
C GLN C 471 11.50 -0.39 -42.07
N THR C 472 11.32 -0.29 -40.76
CA THR C 472 11.10 -1.42 -39.86
C THR C 472 9.88 -2.27 -40.23
N ILE C 473 8.91 -1.67 -40.91
CA ILE C 473 7.82 -2.44 -41.48
C ILE C 473 8.39 -3.43 -42.49
N ALA C 474 9.02 -2.91 -43.54
CA ALA C 474 9.55 -3.76 -44.61
C ALA C 474 10.60 -4.73 -44.06
N ASN C 475 11.35 -4.29 -43.05
CA ASN C 475 12.33 -5.17 -42.43
C ASN C 475 11.69 -6.30 -41.65
N GLY C 476 10.55 -6.06 -41.03
CA GLY C 476 9.91 -7.12 -40.26
C GLY C 476 9.27 -8.09 -41.22
N ILE C 477 8.80 -7.55 -42.35
CA ILE C 477 8.20 -8.37 -43.38
C ILE C 477 9.25 -9.30 -43.96
N SER C 478 10.42 -8.73 -44.26
CA SER C 478 11.52 -9.56 -44.73
C SER C 478 12.06 -10.55 -43.70
N ILE C 479 12.35 -10.10 -42.47
CA ILE C 479 12.79 -11.01 -41.41
C ILE C 479 11.80 -12.15 -41.17
N LEU C 480 10.57 -11.92 -41.60
CA LEU C 480 9.61 -12.99 -41.46
C LEU C 480 9.72 -13.90 -42.65
N GLU C 481 9.64 -13.38 -43.87
CA GLU C 481 9.72 -14.29 -45.01
C GLU C 481 11.03 -15.11 -44.97
N GLN C 482 12.02 -14.58 -44.26
CA GLN C 482 13.27 -15.27 -44.03
C GLN C 482 13.12 -16.41 -43.06
N ARG C 483 12.81 -16.12 -41.80
CA ARG C 483 12.74 -17.29 -40.91
C ARG C 483 11.63 -18.25 -41.32
N LEU C 484 10.71 -17.81 -42.17
CA LEU C 484 9.59 -18.68 -42.51
C LEU C 484 10.30 -19.71 -43.36
N LEU C 485 11.11 -19.22 -44.30
CA LEU C 485 11.68 -20.15 -45.27
C LEU C 485 12.79 -20.99 -44.63
N GLU C 486 13.49 -20.42 -43.65
CA GLU C 486 14.34 -21.21 -42.75
C GLU C 486 13.59 -22.40 -42.16
N ILE C 487 12.38 -22.15 -41.64
CA ILE C 487 11.54 -23.23 -41.12
C ILE C 487 11.19 -24.17 -42.27
N GLY C 488 11.14 -23.63 -43.48
CA GLY C 488 10.87 -24.43 -44.66
C GLY C 488 12.01 -25.36 -45.06
N ASN C 489 13.23 -25.02 -44.66
CA ASN C 489 14.39 -25.84 -44.99
C ASN C 489 14.63 -26.97 -43.99
N ASN C 490 13.76 -27.07 -42.99
CA ASN C 490 13.87 -28.14 -42.00
C ASN C 490 13.48 -29.49 -42.59
N ASN C 491 12.65 -29.46 -43.63
CA ASN C 491 12.18 -30.68 -44.26
C ASN C 491 12.97 -30.99 -45.53
N GLU C 521 -10.84 -18.94 -39.27
CA GLU C 521 -11.91 -19.81 -38.80
C GLU C 521 -11.60 -20.36 -37.42
N THR C 522 -12.59 -20.99 -36.79
CA THR C 522 -12.43 -21.60 -35.46
C THR C 522 -11.41 -22.74 -35.46
N VAL C 523 -10.42 -22.66 -36.35
CA VAL C 523 -9.31 -23.61 -36.39
C VAL C 523 -7.97 -22.88 -36.43
N ILE C 524 -7.07 -23.28 -35.53
CA ILE C 524 -5.73 -22.73 -35.46
C ILE C 524 -4.88 -23.20 -36.66
N ARG C 525 -3.90 -22.39 -37.03
CA ARG C 525 -3.04 -22.68 -38.18
C ARG C 525 -2.09 -23.80 -37.79
N PRO C 526 -2.12 -24.91 -38.53
CA PRO C 526 -1.31 -26.08 -38.17
C PRO C 526 0.18 -25.94 -38.42
N GLU C 527 0.93 -26.76 -37.71
CA GLU C 527 2.40 -26.79 -37.74
C GLU C 527 3.01 -27.47 -38.95
N ASP C 528 2.17 -28.09 -39.78
CA ASP C 528 2.62 -28.67 -41.04
C ASP C 528 2.67 -27.53 -42.07
N PHE C 529 1.97 -26.46 -41.73
CA PHE C 529 1.74 -25.31 -42.61
C PHE C 529 2.18 -23.93 -42.10
N PRO C 530 3.23 -23.85 -41.26
CA PRO C 530 3.64 -22.50 -40.86
C PRO C 530 4.49 -21.91 -41.98
N LYS C 531 5.16 -22.79 -42.71
CA LYS C 531 6.05 -22.45 -43.80
C LYS C 531 5.45 -21.44 -44.80
N PHE C 532 4.13 -21.42 -44.95
CA PHE C 532 3.51 -20.39 -45.79
C PHE C 532 2.55 -19.43 -45.08
N MET C 533 3.06 -18.32 -44.56
CA MET C 533 2.18 -17.23 -44.11
C MET C 533 1.48 -16.57 -45.30
N GLN C 534 1.64 -17.16 -46.48
CA GLN C 534 1.15 -16.59 -47.73
C GLN C 534 -0.37 -16.60 -47.75
N LEU C 535 -0.96 -17.32 -46.82
CA LEU C 535 -2.40 -17.35 -46.65
C LEU C 535 -2.88 -15.91 -46.47
N HIS C 536 -2.13 -15.14 -45.68
CA HIS C 536 -2.47 -13.74 -45.38
C HIS C 536 -1.77 -12.77 -46.34
N GLN C 537 -1.44 -13.27 -47.53
CA GLN C 537 -0.83 -12.47 -48.60
C GLN C 537 -1.58 -11.19 -48.85
N LYS C 538 -2.90 -11.25 -48.83
CA LYS C 538 -3.71 -10.05 -49.05
C LYS C 538 -3.24 -8.93 -48.16
N PHE C 539 -3.28 -9.13 -46.85
CA PHE C 539 -2.90 -8.00 -46.02
C PHE C 539 -1.40 -7.84 -46.08
N TYR C 540 -0.69 -8.94 -46.30
CA TYR C 540 0.74 -8.80 -46.37
C TYR C 540 1.09 -7.97 -47.59
N ASP C 541 0.28 -8.06 -48.64
CA ASP C 541 0.66 -7.29 -49.81
C ASP C 541 0.44 -5.80 -49.57
N SER C 542 -0.48 -5.49 -48.67
CA SER C 542 -0.82 -4.09 -48.42
C SER C 542 0.21 -3.44 -47.55
N LEU C 543 0.47 -4.09 -46.43
CA LEU C 543 1.56 -3.69 -45.57
C LEU C 543 2.79 -3.44 -46.43
N LYS C 544 3.01 -4.29 -47.45
CA LYS C 544 4.27 -4.19 -48.16
C LYS C 544 4.28 -2.87 -48.93
N ASN C 545 3.17 -2.62 -49.62
CA ASN C 545 3.01 -1.41 -50.40
C ASN C 545 3.19 -0.17 -49.53
N PHE C 546 2.97 -0.32 -48.23
CA PHE C 546 3.09 0.82 -47.33
C PHE C 546 4.55 1.21 -47.17
N ALA C 547 5.42 0.22 -46.95
CA ALA C 547 6.81 0.52 -46.60
C ALA C 547 7.67 0.75 -47.83
N CYS C 548 7.49 -0.09 -48.85
CA CYS C 548 8.35 -0.08 -50.03
C CYS C 548 8.01 1.05 -50.99
N CYS C 549 6.77 1.52 -50.93
CA CYS C 549 6.31 2.59 -51.82
C CYS C 549 6.53 2.25 -53.29
N LEU D 2 13.19 4.03 -33.70
CA LEU D 2 11.78 3.65 -33.92
C LEU D 2 10.81 4.66 -33.31
N PHE D 3 9.53 4.53 -33.66
CA PHE D 3 8.45 5.30 -33.05
C PHE D 3 8.63 6.80 -33.22
N ASN D 4 8.01 7.38 -34.25
CA ASN D 4 8.09 8.82 -34.44
C ASN D 4 7.37 9.55 -33.29
N PHE D 5 8.16 10.01 -32.33
CA PHE D 5 7.66 10.57 -31.07
C PHE D 5 6.60 9.68 -30.44
N LEU D 6 6.92 8.38 -30.39
CA LEU D 6 6.16 7.41 -29.61
C LEU D 6 4.65 7.47 -29.86
MG MG E . 12.83 -3.03 6.49
PG ATP F . 14.80 -5.03 4.03
O1G ATP F . 15.32 -4.83 5.43
O2G ATP F . 13.74 -4.04 3.61
O3G ATP F . 15.88 -5.25 2.99
PB ATP F . 12.72 -6.71 4.93
O1B ATP F . 12.20 -5.40 5.44
O2B ATP F . 13.01 -7.84 5.90
O3B ATP F . 14.05 -6.46 4.06
PA ATP F . 10.14 -7.41 4.01
O1A ATP F . 9.84 -7.68 5.46
O2A ATP F . 9.51 -6.22 3.32
O3A ATP F . 11.74 -7.30 3.80
O5' ATP F . 9.78 -8.71 3.15
C5' ATP F . 10.35 -8.84 1.85
C4' ATP F . 9.25 -9.25 0.87
O4' ATP F . 9.00 -10.65 0.93
C3' ATP F . 7.94 -8.56 1.21
O3' ATP F . 7.82 -7.30 0.54
C2' ATP F . 6.91 -9.56 0.73
O2' ATP F . 6.66 -9.34 -0.66
C1' ATP F . 7.60 -10.90 0.90
N9 ATP F . 7.24 -11.40 2.26
C8 ATP F . 8.05 -11.37 3.34
N7 ATP F . 7.43 -11.89 4.43
C5 ATP F . 6.18 -12.25 4.05
C6 ATP F . 5.01 -12.86 4.71
N6 ATP F . 5.04 -13.19 6.02
N1 ATP F . 3.90 -13.07 3.96
C2 ATP F . 3.87 -12.74 2.64
N3 ATP F . 4.90 -12.19 1.97
C4 ATP F . 6.07 -11.92 2.62
MG MG G . -9.66 7.78 -17.58
PG ATP H . -8.55 5.95 -20.73
O1G ATP H . -8.36 5.38 -19.35
O2G ATP H . -8.91 7.42 -20.74
O3G ATP H . -7.48 5.56 -21.73
PB ATP H . -11.26 5.26 -20.55
O1B ATP H . -11.15 6.29 -19.44
O2B ATP H . -11.64 3.84 -20.25
O3B ATP H . -9.86 5.23 -21.34
PA ATP H . -13.57 6.65 -21.21
O1A ATP H . -14.32 5.91 -20.13
O2A ATP H . -13.07 8.05 -20.94
O3A ATP H . -12.30 5.77 -21.66
O5' ATP H . -14.48 6.68 -22.54
C5' ATP H . -13.86 6.94 -23.80
C4' ATP H . -14.85 7.64 -24.70
O4' ATP H . -15.85 6.75 -25.20
C3' ATP H . -15.61 8.74 -23.99
O3' ATP H . -14.84 9.94 -23.92
C2' ATP H . -16.83 8.91 -24.86
O2' ATP H . -16.53 9.81 -25.92
C1' ATP H . -17.04 7.53 -25.47
N9 ATP H . -18.24 6.95 -24.84
C8 ATP H . -19.47 7.49 -24.87
N7 ATP H . -20.37 6.73 -24.20
C5 ATP H . -19.71 5.65 -23.72
C6 ATP H . -20.08 4.46 -22.93
N6 ATP H . -21.35 4.26 -22.50
N1 ATP H . -19.09 3.58 -22.64
C2 ATP H . -17.82 3.77 -23.05
N3 ATP H . -17.43 4.83 -23.77
C4 ATP H . -18.30 5.80 -24.14
#